data_4I83
#
_entry.id   4I83
#
_cell.length_a   72.440
_cell.length_b   103.980
_cell.length_c   135.860
_cell.angle_alpha   90.00
_cell.angle_beta   90.00
_cell.angle_gamma   90.00
#
_symmetry.space_group_name_H-M   'P 21 21 21'
#
_entity_poly.entity_id   1
_entity_poly.type   'polypeptide(L)'
_entity_poly.pdbx_seq_one_letter_code
;SNAMDVQLPIEAKDIQKLIPHRYPFLQLDRITAFEPMKTLTAIKNVSINEPQFQGHFPDLPVMPGVLIIEAMAQACGTLA
ILSEGGRKENEFFFFAGIDEARFKRQVIPGDQLVFEVELLTSRRGIGKFNAVAKVDGQVAVEAIIMCAKRVV
;
_entity_poly.pdbx_strand_id   A,C,B,D,E,F
#
# COMPACT_ATOMS: atom_id res chain seq x y z
N VAL A 6 -4.97 33.33 12.78
CA VAL A 6 -4.58 31.88 12.75
C VAL A 6 -3.11 31.71 13.15
N GLN A 7 -2.79 30.60 13.83
CA GLN A 7 -1.45 30.34 14.34
C GLN A 7 -0.55 29.59 13.32
N LEU A 8 0.58 30.19 12.95
CA LEU A 8 1.51 29.60 11.99
C LEU A 8 2.77 29.05 12.68
N PRO A 9 3.37 27.97 12.15
CA PRO A 9 2.96 27.19 10.97
C PRO A 9 1.73 26.32 11.26
N ILE A 10 0.93 26.03 10.23
CA ILE A 10 -0.14 25.03 10.38
C ILE A 10 0.44 23.67 10.03
N GLU A 11 0.44 22.77 11.01
CA GLU A 11 1.02 21.44 10.79
C GLU A 11 0.06 20.53 10.07
N ALA A 12 0.61 19.50 9.43
CA ALA A 12 -0.18 18.50 8.70
C ALA A 12 -1.40 18.02 9.49
N LYS A 13 -1.19 17.68 10.74
CA LYS A 13 -2.35 17.28 11.59
C LYS A 13 -3.49 18.29 11.57
N ASP A 14 -3.18 19.56 11.35
CA ASP A 14 -4.21 20.59 11.30
C ASP A 14 -4.68 20.95 9.90
N ILE A 15 -3.81 20.82 8.91
CA ILE A 15 -4.24 20.87 7.51
C ILE A 15 -5.39 19.90 7.28
N GLN A 16 -5.34 18.76 7.97
CA GLN A 16 -6.41 17.74 7.86
C GLN A 16 -7.76 18.16 8.44
N LYS A 17 -7.74 19.11 9.36
CA LYS A 17 -8.97 19.65 9.91
C LYS A 17 -9.59 20.60 8.93
N LEU A 18 -8.75 21.14 8.02
CA LEU A 18 -9.18 22.08 6.99
C LEU A 18 -9.70 21.45 5.69
N ILE A 19 -9.04 20.38 5.22
CA ILE A 19 -9.41 19.74 3.94
C ILE A 19 -9.56 18.21 4.09
N PRO A 20 -10.41 17.59 3.27
CA PRO A 20 -10.76 16.19 3.51
C PRO A 20 -9.71 15.16 3.01
N HIS A 21 -8.74 15.64 2.25
CA HIS A 21 -7.74 14.80 1.61
C HIS A 21 -6.94 14.04 2.64
N ARG A 22 -6.74 12.74 2.38
CA ARG A 22 -5.91 11.90 3.23
C ARG A 22 -4.99 11.06 2.40
N TYR A 23 -4.13 10.28 3.06
CA TYR A 23 -3.14 9.46 2.40
C TYR A 23 -3.81 8.59 1.35
N PRO A 24 -3.26 8.52 0.13
CA PRO A 24 -2.05 9.10 -0.39
C PRO A 24 -2.27 10.35 -1.24
N PHE A 25 -3.33 11.10 -0.96
CA PHE A 25 -3.66 12.28 -1.76
C PHE A 25 -3.66 13.61 -1.01
N LEU A 26 -3.02 13.63 0.16
CA LEU A 26 -2.68 14.84 0.85
C LEU A 26 -1.26 15.22 0.52
N GLN A 27 -1.08 16.32 -0.21
CA GLN A 27 0.21 16.68 -0.81
C GLN A 27 0.78 17.97 -0.25
N LEU A 28 0.35 18.33 0.95
CA LEU A 28 0.95 19.42 1.69
C LEU A 28 1.36 18.89 3.01
N ASP A 29 2.56 19.26 3.43
CA ASP A 29 3.03 18.91 4.76
C ASP A 29 2.81 20.01 5.82
N ARG A 30 2.88 21.27 5.43
CA ARG A 30 2.88 22.37 6.38
C ARG A 30 2.58 23.69 5.70
N ILE A 31 1.70 24.48 6.30
CA ILE A 31 1.46 25.85 5.85
C ILE A 31 2.39 26.77 6.64
N THR A 32 3.20 27.55 5.94
CA THR A 32 4.19 28.41 6.60
C THR A 32 3.89 29.94 6.52
N ALA A 33 3.06 30.38 5.58
CA ALA A 33 2.73 31.82 5.42
C ALA A 33 1.31 31.97 4.93
N PHE A 34 0.67 33.06 5.32
CA PHE A 34 -0.71 33.27 4.99
C PHE A 34 -1.12 34.73 5.17
N GLU A 35 -1.58 35.34 4.07
CA GLU A 35 -2.25 36.65 4.08
C GLU A 35 -3.70 36.50 3.63
N PRO A 36 -4.67 36.72 4.54
CA PRO A 36 -6.09 36.51 4.19
C PRO A 36 -6.46 37.12 2.86
N MET A 37 -7.19 36.35 2.07
CA MET A 37 -7.69 36.74 0.75
C MET A 37 -6.60 37.11 -0.27
N LYS A 38 -5.34 36.79 0.02
CA LYS A 38 -4.20 37.22 -0.81
C LYS A 38 -3.19 36.09 -1.16
N THR A 39 -2.38 35.68 -0.19
CA THR A 39 -1.29 34.72 -0.45
C THR A 39 -1.16 33.64 0.61
N LEU A 40 -0.45 32.58 0.23
CA LEU A 40 -0.13 31.48 1.14
C LEU A 40 1.16 30.81 0.69
N THR A 41 1.97 30.42 1.66
CA THR A 41 3.13 29.52 1.41
C THR A 41 2.92 28.20 2.16
N ALA A 42 3.23 27.11 1.45
CA ALA A 42 3.15 25.78 2.01
C ALA A 42 4.34 24.98 1.55
N ILE A 43 4.70 23.94 2.31
CA ILE A 43 5.74 23.03 1.85
C ILE A 43 5.27 21.58 1.73
N LYS A 44 5.99 20.84 0.92
CA LYS A 44 5.81 19.41 0.77
C LYS A 44 7.19 18.81 0.63
N ASN A 45 7.55 17.94 1.57
CA ASN A 45 8.82 17.24 1.53
C ASN A 45 8.74 16.07 0.56
N VAL A 46 9.72 15.95 -0.33
CA VAL A 46 9.75 14.82 -1.26
C VAL A 46 10.73 13.77 -0.73
N SER A 47 10.20 12.58 -0.50
CA SER A 47 10.97 11.48 0.03
C SER A 47 10.84 10.26 -0.85
N ILE A 48 11.90 9.45 -0.89
CA ILE A 48 11.86 8.18 -1.60
C ILE A 48 10.82 7.23 -0.95
N ASN A 49 10.50 7.44 0.31
CA ASN A 49 9.50 6.62 1.02
C ASN A 49 8.03 7.05 0.78
N GLU A 50 7.70 7.38 -0.47
CA GLU A 50 6.33 7.78 -0.81
C GLU A 50 5.78 6.80 -1.83
N PRO A 51 4.46 6.53 -1.78
CA PRO A 51 3.91 5.44 -2.60
C PRO A 51 4.14 5.58 -4.08
N GLN A 52 4.20 6.80 -4.59
CA GLN A 52 4.31 7.01 -6.03
C GLN A 52 5.62 6.53 -6.56
N PHE A 53 6.62 6.47 -5.70
CA PHE A 53 7.94 6.07 -6.19
C PHE A 53 8.18 4.59 -6.37
N GLN A 54 7.21 3.74 -6.09
CA GLN A 54 7.24 2.34 -6.59
C GLN A 54 7.10 2.22 -8.09
N GLY A 55 6.31 3.13 -8.68
CA GLY A 55 5.97 3.09 -10.10
C GLY A 55 6.43 4.26 -10.94
N HIS A 56 7.06 5.27 -10.34
CA HIS A 56 7.35 6.49 -11.06
C HIS A 56 8.72 7.05 -10.71
N PHE A 57 9.81 6.45 -11.19
CA PHE A 57 9.80 5.24 -12.00
C PHE A 57 10.61 4.16 -11.30
N PRO A 58 10.30 2.88 -11.59
CA PRO A 58 10.95 1.79 -10.89
C PRO A 58 12.39 1.96 -10.45
N ASP A 59 13.35 2.37 -11.25
CA ASP A 59 14.66 2.58 -10.60
C ASP A 59 15.06 4.06 -10.49
N LEU A 60 14.20 4.93 -10.97
CA LEU A 60 14.49 6.33 -11.16
C LEU A 60 13.38 7.20 -10.52
N PRO A 61 13.53 7.53 -9.24
CA PRO A 61 12.46 8.27 -8.59
C PRO A 61 12.35 9.70 -9.12
N VAL A 62 11.16 10.03 -9.61
CA VAL A 62 10.89 11.34 -10.15
C VAL A 62 9.50 11.73 -9.69
N MET A 63 9.42 12.83 -8.96
CA MET A 63 8.14 13.32 -8.45
C MET A 63 7.23 13.66 -9.61
N PRO A 64 6.05 13.03 -9.69
CA PRO A 64 5.18 13.34 -10.80
C PRO A 64 4.76 14.78 -10.80
N GLY A 65 4.87 15.44 -11.94
CA GLY A 65 4.32 16.79 -12.11
C GLY A 65 2.88 16.98 -11.66
N VAL A 66 2.02 16.04 -12.00
CA VAL A 66 0.62 16.15 -11.62
C VAL A 66 0.42 16.21 -10.12
N LEU A 67 1.31 15.60 -9.33
CA LEU A 67 1.16 15.66 -7.86
C LEU A 67 1.62 16.99 -7.36
N ILE A 68 2.60 17.57 -8.05
CA ILE A 68 3.00 18.94 -7.75
C ILE A 68 1.81 19.84 -8.07
N ILE A 69 1.20 19.65 -9.23
CA ILE A 69 -0.03 20.38 -9.56
C ILE A 69 -1.10 20.24 -8.47
N GLU A 70 -1.31 19.02 -8.00
CA GLU A 70 -2.33 18.76 -6.99
C GLU A 70 -2.04 19.53 -5.69
N ALA A 71 -0.77 19.56 -5.31
CA ALA A 71 -0.33 20.29 -4.14
C ALA A 71 -0.62 21.78 -4.29
N MET A 72 -0.24 22.33 -5.44
CA MET A 72 -0.53 23.72 -5.80
C MET A 72 -2.02 23.98 -5.60
N ALA A 73 -2.87 23.12 -6.16
CA ALA A 73 -4.33 23.26 -6.00
C ALA A 73 -4.75 23.19 -4.54
N GLN A 74 -4.19 22.28 -3.78
CA GLN A 74 -4.54 22.14 -2.37
C GLN A 74 -4.12 23.40 -1.58
N ALA A 75 -2.99 23.97 -1.96
CA ALA A 75 -2.54 25.20 -1.34
C ALA A 75 -3.52 26.34 -1.64
N CYS A 76 -3.87 26.52 -2.92
CA CYS A 76 -4.91 27.47 -3.30
C CYS A 76 -6.18 27.27 -2.47
N GLY A 77 -6.70 26.05 -2.46
CA GLY A 77 -7.90 25.73 -1.71
C GLY A 77 -7.81 26.09 -0.24
N THR A 78 -6.65 25.89 0.39
CA THR A 78 -6.55 26.12 1.82
C THR A 78 -6.49 27.63 2.09
N LEU A 79 -5.75 28.36 1.25
CA LEU A 79 -5.82 29.81 1.22
C LEU A 79 -7.27 30.28 1.23
N ALA A 80 -8.08 29.71 0.35
CA ALA A 80 -9.49 30.11 0.28
C ALA A 80 -10.21 29.79 1.57
N ILE A 81 -10.04 28.55 2.04
CA ILE A 81 -10.75 28.06 3.22
C ILE A 81 -10.40 28.88 4.46
N LEU A 82 -9.11 29.10 4.66
CA LEU A 82 -8.65 29.87 5.80
C LEU A 82 -9.24 31.28 5.74
N SER A 83 -9.35 31.84 4.53
CA SER A 83 -9.81 33.21 4.35
C SER A 83 -11.27 33.46 4.78
N GLU A 84 -12.13 32.45 4.68
CA GLU A 84 -13.50 32.57 5.19
C GLU A 84 -13.66 31.77 6.48
N GLY A 85 -12.55 31.57 7.18
CA GLY A 85 -12.53 30.82 8.44
C GLY A 85 -13.26 29.49 8.42
N GLY A 86 -13.27 28.82 7.26
CA GLY A 86 -14.06 27.60 7.06
C GLY A 86 -13.37 26.37 7.62
N ARG A 87 -13.97 25.22 7.39
CA ARG A 87 -13.43 23.91 7.83
C ARG A 87 -13.74 22.85 6.77
N LYS A 88 -13.27 21.62 7.00
CA LYS A 88 -13.50 20.47 6.07
C LYS A 88 -14.93 19.90 6.08
N GLU A 89 -15.60 20.01 7.24
CA GLU A 89 -16.96 19.47 7.44
C GLU A 89 -18.02 20.46 6.93
N ASN A 90 -17.60 21.72 6.92
CA ASN A 90 -18.36 22.86 6.42
C ASN A 90 -18.48 22.67 4.93
N GLU A 91 -17.65 23.31 4.10
CA GLU A 91 -17.74 23.19 2.62
C GLU A 91 -16.41 22.89 1.84
N PHE A 92 -16.56 22.89 0.52
CA PHE A 92 -15.58 22.32 -0.38
C PHE A 92 -15.30 23.17 -1.63
N PHE A 93 -14.01 23.29 -1.96
CA PHE A 93 -13.58 23.98 -3.19
C PHE A 93 -13.14 22.97 -4.25
N PHE A 94 -13.89 22.88 -5.35
CA PHE A 94 -13.57 21.96 -6.45
C PHE A 94 -12.40 22.48 -7.25
N PHE A 95 -11.64 21.56 -7.81
CA PHE A 95 -10.59 21.87 -8.76
C PHE A 95 -11.25 22.01 -10.13
N ALA A 96 -11.23 23.21 -10.72
CA ALA A 96 -12.04 23.51 -11.96
C ALA A 96 -11.22 23.56 -13.20
N GLY A 97 -9.99 24.01 -13.09
CA GLY A 97 -9.11 23.99 -14.25
C GLY A 97 -7.67 24.38 -13.95
N ILE A 98 -6.81 24.12 -14.93
CA ILE A 98 -5.40 24.42 -14.86
C ILE A 98 -5.10 25.16 -16.15
N ASP A 99 -4.30 26.21 -16.10
CA ASP A 99 -4.20 27.11 -17.23
C ASP A 99 -2.89 27.16 -17.96
N GLU A 100 -1.81 27.48 -17.28
CA GLU A 100 -0.62 27.78 -18.05
C GLU A 100 0.54 27.09 -17.38
N ALA A 101 0.36 25.78 -17.25
CA ALA A 101 1.21 24.98 -16.40
C ALA A 101 2.45 24.61 -17.19
N ARG A 102 3.61 24.95 -16.63
CA ARG A 102 4.87 24.53 -17.22
C ARG A 102 5.64 23.71 -16.19
N PHE A 103 6.22 22.62 -16.66
CA PHE A 103 7.09 21.78 -15.84
C PHE A 103 8.52 22.09 -16.22
N LYS A 104 9.24 22.78 -15.35
CA LYS A 104 10.58 23.29 -15.69
C LYS A 104 11.74 22.51 -15.12
N ARG A 105 11.54 21.78 -14.03
CA ARG A 105 12.65 21.08 -13.37
C ARG A 105 12.18 19.72 -12.84
N GLN A 106 13.00 18.68 -13.02
CA GLN A 106 12.82 17.42 -12.30
C GLN A 106 12.94 17.62 -10.80
N VAL A 107 11.96 17.11 -10.05
CA VAL A 107 11.95 17.14 -8.60
C VAL A 107 12.23 15.74 -8.08
N ILE A 108 13.11 15.61 -7.08
CA ILE A 108 13.60 14.29 -6.66
C ILE A 108 13.61 14.12 -5.14
N PRO A 109 13.69 12.87 -4.67
CA PRO A 109 13.76 12.67 -3.22
C PRO A 109 14.87 13.52 -2.61
N GLY A 110 14.56 14.13 -1.48
CA GLY A 110 15.49 15.06 -0.84
C GLY A 110 15.03 16.48 -1.04
N ASP A 111 14.37 16.78 -2.15
CA ASP A 111 13.89 18.12 -2.41
C ASP A 111 12.76 18.47 -1.50
N GLN A 112 12.78 19.71 -1.02
CA GLN A 112 11.66 20.28 -0.35
C GLN A 112 10.96 21.25 -1.33
N LEU A 113 9.69 20.98 -1.64
CA LEU A 113 8.91 21.86 -2.49
C LEU A 113 8.36 22.99 -1.65
N VAL A 114 8.61 24.22 -2.10
CA VAL A 114 7.97 25.40 -1.51
C VAL A 114 6.93 25.90 -2.48
N PHE A 115 5.69 25.96 -2.02
CA PHE A 115 4.59 26.46 -2.82
C PHE A 115 4.21 27.85 -2.40
N GLU A 116 4.16 28.77 -3.36
CA GLU A 116 3.67 30.16 -3.14
C GLU A 116 2.52 30.38 -4.06
N VAL A 117 1.37 30.66 -3.49
CA VAL A 117 0.16 30.87 -4.30
C VAL A 117 -0.46 32.24 -4.01
N GLU A 118 -1.21 32.76 -4.99
CA GLU A 118 -1.82 34.07 -4.89
C GLU A 118 -3.20 34.09 -5.49
N LEU A 119 -4.17 34.64 -4.75
CA LEU A 119 -5.56 34.81 -5.26
C LEU A 119 -5.60 35.97 -6.23
N LEU A 120 -5.95 35.72 -7.49
CA LEU A 120 -5.95 36.78 -8.48
C LEU A 120 -7.34 37.42 -8.54
N THR A 121 -8.34 36.66 -8.99
CA THR A 121 -9.72 37.17 -9.08
C THR A 121 -10.69 36.18 -8.46
N SER A 122 -11.83 36.69 -8.00
CA SER A 122 -12.86 35.84 -7.44
C SER A 122 -14.19 36.16 -8.12
N ARG A 123 -14.30 35.85 -9.42
CA ARG A 123 -15.49 36.17 -10.17
C ARG A 123 -16.54 35.09 -9.90
N ARG A 124 -17.35 35.36 -8.87
CA ARG A 124 -18.57 34.60 -8.59
C ARG A 124 -18.36 33.16 -8.18
N GLY A 125 -17.78 33.00 -7.00
CA GLY A 125 -17.48 31.66 -6.46
C GLY A 125 -16.33 30.90 -7.13
N ILE A 126 -15.86 31.38 -8.29
CA ILE A 126 -14.74 30.78 -9.01
C ILE A 126 -13.49 31.62 -8.77
N GLY A 127 -12.49 31.01 -8.14
CA GLY A 127 -11.25 31.70 -7.80
C GLY A 127 -10.14 31.34 -8.77
N LYS A 128 -9.45 32.35 -9.28
CA LYS A 128 -8.34 32.16 -10.20
C LYS A 128 -7.09 32.48 -9.39
N PHE A 129 -6.13 31.55 -9.40
CA PHE A 129 -4.90 31.68 -8.61
C PHE A 129 -3.69 31.57 -9.49
N ASN A 130 -2.63 32.26 -9.10
CA ASN A 130 -1.33 32.02 -9.66
C ASN A 130 -0.56 31.17 -8.65
N ALA A 131 0.19 30.19 -9.13
CA ALA A 131 0.88 29.27 -8.23
C ALA A 131 2.21 28.90 -8.81
N VAL A 132 3.20 28.85 -7.93
CA VAL A 132 4.54 28.41 -8.31
C VAL A 132 5.06 27.41 -7.24
N ALA A 133 5.92 26.50 -7.67
CA ALA A 133 6.52 25.53 -6.81
C ALA A 133 8.00 25.58 -7.02
N LYS A 134 8.73 25.89 -5.96
CA LYS A 134 10.17 26.01 -6.02
C LYS A 134 10.88 24.94 -5.19
N VAL A 135 12.06 24.57 -5.67
CA VAL A 135 13.02 23.79 -4.92
C VAL A 135 14.29 24.64 -4.89
N ASP A 136 14.78 24.96 -3.69
CA ASP A 136 16.02 25.75 -3.52
C ASP A 136 16.00 27.04 -4.34
N GLY A 137 14.86 27.72 -4.33
CA GLY A 137 14.74 28.99 -5.03
C GLY A 137 14.43 28.90 -6.51
N GLN A 138 14.81 27.79 -7.17
CA GLN A 138 14.48 27.58 -8.60
C GLN A 138 13.04 27.10 -8.83
N VAL A 139 12.38 27.64 -9.84
CA VAL A 139 11.03 27.24 -10.19
C VAL A 139 11.06 25.84 -10.77
N ALA A 140 10.19 24.97 -10.28
CA ALA A 140 10.06 23.63 -10.83
C ALA A 140 8.77 23.50 -11.63
N VAL A 141 7.70 24.07 -11.10
CA VAL A 141 6.42 24.08 -11.76
C VAL A 141 5.73 25.41 -11.48
N GLU A 142 5.07 25.95 -12.52
CA GLU A 142 4.23 27.15 -12.38
C GLU A 142 2.98 26.89 -13.13
N ALA A 143 1.89 27.50 -12.65
CA ALA A 143 0.58 27.29 -13.23
C ALA A 143 -0.46 28.26 -12.70
N ILE A 144 -1.54 28.42 -13.47
CA ILE A 144 -2.73 29.12 -13.00
C ILE A 144 -3.73 28.05 -12.59
N ILE A 145 -4.33 28.20 -11.41
CA ILE A 145 -5.21 27.20 -10.84
C ILE A 145 -6.58 27.80 -10.60
N MET A 146 -7.64 27.17 -11.12
CA MET A 146 -9.02 27.60 -10.83
C MET A 146 -9.67 26.64 -9.83
N CYS A 147 -10.27 27.22 -8.79
CA CYS A 147 -11.10 26.49 -7.85
C CYS A 147 -12.51 27.07 -7.83
N ALA A 148 -13.50 26.21 -7.61
CA ALA A 148 -14.91 26.60 -7.61
C ALA A 148 -15.55 26.17 -6.30
N LYS A 149 -16.32 27.06 -5.67
CA LYS A 149 -16.84 26.78 -4.33
C LYS A 149 -17.85 25.61 -4.25
N VAL B 6 -8.68 -9.04 33.59
CA VAL B 6 -8.66 -8.93 32.09
C VAL B 6 -8.69 -10.32 31.45
N GLN B 7 -9.36 -10.44 30.32
CA GLN B 7 -9.57 -11.77 29.70
C GLN B 7 -8.47 -12.14 28.68
N LEU B 8 -7.77 -13.25 28.90
CA LEU B 8 -6.69 -13.68 27.98
C LEU B 8 -7.17 -14.80 27.05
N PRO B 9 -6.67 -14.87 25.80
CA PRO B 9 -5.70 -13.97 25.17
C PRO B 9 -6.36 -12.66 24.79
N ILE B 10 -5.62 -11.56 24.76
CA ILE B 10 -6.16 -10.29 24.22
C ILE B 10 -5.90 -10.27 22.73
N GLU B 11 -6.97 -10.29 21.95
CA GLU B 11 -6.85 -10.37 20.51
C GLU B 11 -6.52 -8.99 19.93
N ALA B 12 -5.92 -8.99 18.74
CA ALA B 12 -5.57 -7.74 18.03
C ALA B 12 -6.70 -6.70 18.08
N LYS B 13 -7.92 -7.12 17.79
CA LYS B 13 -9.05 -6.18 17.85
C LYS B 13 -9.14 -5.45 19.17
N ASP B 14 -8.67 -6.09 20.24
CA ASP B 14 -8.72 -5.47 21.57
C ASP B 14 -7.44 -4.77 21.98
N ILE B 15 -6.31 -5.23 21.46
CA ILE B 15 -5.05 -4.48 21.59
C ILE B 15 -5.25 -3.04 21.07
N GLN B 16 -6.09 -2.89 20.06
CA GLN B 16 -6.39 -1.59 19.45
C GLN B 16 -7.23 -0.66 20.32
N LYS B 17 -7.94 -1.25 21.26
CA LYS B 17 -8.65 -0.46 22.26
C LYS B 17 -7.70 0.06 23.33
N LEU B 18 -6.54 -0.61 23.47
CA LEU B 18 -5.50 -0.23 24.45
C LEU B 18 -4.44 0.77 23.95
N ILE B 19 -3.97 0.60 22.71
CA ILE B 19 -2.97 1.50 22.13
C ILE B 19 -3.43 2.11 20.78
N PRO B 20 -2.95 3.33 20.46
CA PRO B 20 -3.46 3.97 19.26
C PRO B 20 -2.89 3.44 17.91
N HIS B 21 -1.85 2.61 17.97
CA HIS B 21 -1.10 2.18 16.76
C HIS B 21 -2.01 1.42 15.83
N ARG B 22 -1.91 1.71 14.53
CA ARG B 22 -2.66 1.00 13.51
C ARG B 22 -1.77 0.64 12.35
N TYR B 23 -2.31 -0.08 11.39
CA TYR B 23 -1.57 -0.51 10.22
C TYR B 23 -0.86 0.66 9.55
N PRO B 24 0.42 0.50 9.20
CA PRO B 24 1.29 -0.65 9.30
C PRO B 24 2.22 -0.62 10.50
N PHE B 25 1.82 0.03 11.57
CA PHE B 25 2.69 0.18 12.73
C PHE B 25 2.16 -0.43 14.02
N LEU B 26 1.19 -1.32 13.90
CA LEU B 26 0.77 -2.20 14.98
C LEU B 26 1.50 -3.53 14.81
N GLN B 27 2.44 -3.82 15.73
CA GLN B 27 3.39 -4.95 15.58
C GLN B 27 3.21 -5.99 16.70
N LEU B 28 2.02 -6.03 17.28
CA LEU B 28 1.59 -7.15 18.11
C LEU B 28 0.31 -7.74 17.52
N ASP B 29 0.24 -9.07 17.48
CA ASP B 29 -0.99 -9.75 17.04
C ASP B 29 -1.88 -10.20 18.19
N ARG B 30 -1.28 -10.54 19.33
CA ARG B 30 -2.03 -11.13 20.43
C ARG B 30 -1.25 -11.06 21.72
N ILE B 31 -1.92 -10.70 22.81
CA ILE B 31 -1.34 -10.80 24.16
C ILE B 31 -1.73 -12.15 24.77
N THR B 32 -0.75 -12.96 25.18
CA THR B 32 -1.03 -14.31 25.69
C THR B 32 -0.80 -14.51 27.18
N ALA B 33 -0.02 -13.64 27.82
CA ALA B 33 0.24 -13.74 29.27
C ALA B 33 0.38 -12.37 29.87
N PHE B 34 0.05 -12.25 31.15
CA PHE B 34 0.09 -10.96 31.83
C PHE B 34 0.07 -11.12 33.33
N GLU B 35 1.11 -10.61 33.99
CA GLU B 35 1.18 -10.43 35.46
C GLU B 35 1.25 -8.94 35.79
N PRO B 36 0.17 -8.38 36.36
CA PRO B 36 0.15 -6.94 36.66
C PRO B 36 1.45 -6.41 37.27
N MET B 37 1.93 -5.28 36.73
CA MET B 37 3.14 -4.61 37.19
C MET B 37 4.45 -5.42 37.08
N LYS B 38 4.42 -6.55 36.35
CA LYS B 38 5.55 -7.49 36.32
C LYS B 38 5.93 -7.98 34.91
N THR B 39 5.08 -8.82 34.30
CA THR B 39 5.42 -9.43 33.00
C THR B 39 4.26 -9.47 32.03
N LEU B 40 4.63 -9.67 30.76
CA LEU B 40 3.67 -9.85 29.69
C LEU B 40 4.29 -10.68 28.58
N THR B 41 3.47 -11.55 27.98
CA THR B 41 3.86 -12.26 26.76
C THR B 41 2.92 -11.89 25.63
N ALA B 42 3.49 -11.65 24.46
CA ALA B 42 2.73 -11.29 23.27
C ALA B 42 3.34 -11.99 22.08
N ILE B 43 2.54 -12.19 21.04
CA ILE B 43 3.09 -12.71 19.81
C ILE B 43 2.89 -11.78 18.62
N LYS B 44 3.73 -11.99 17.63
CA LYS B 44 3.60 -11.35 16.35
C LYS B 44 3.96 -12.40 15.33
N ASN B 45 3.00 -12.71 14.46
CA ASN B 45 3.24 -13.61 13.37
C ASN B 45 3.96 -12.92 12.23
N VAL B 46 5.01 -13.53 11.71
CA VAL B 46 5.72 -12.95 10.56
C VAL B 46 5.30 -13.66 9.30
N SER B 47 4.79 -12.88 8.35
CA SER B 47 4.30 -13.40 7.10
C SER B 47 4.92 -12.66 5.93
N ILE B 48 5.05 -13.35 4.79
CA ILE B 48 5.53 -12.75 3.55
C ILE B 48 4.54 -11.72 3.02
N ASN B 49 3.27 -11.83 3.44
CA ASN B 49 2.23 -10.84 3.07
C ASN B 49 2.20 -9.59 3.96
N GLU B 50 3.37 -9.05 4.31
CA GLU B 50 3.44 -7.82 5.13
C GLU B 50 4.12 -6.73 4.33
N PRO B 51 3.72 -5.45 4.53
CA PRO B 51 4.21 -4.40 3.66
C PRO B 51 5.73 -4.22 3.63
N GLN B 52 6.40 -4.48 4.74
CA GLN B 52 7.84 -4.29 4.79
C GLN B 52 8.60 -5.21 3.81
N PHE B 53 8.01 -6.34 3.45
CA PHE B 53 8.72 -7.28 2.63
C PHE B 53 8.74 -6.93 1.16
N GLN B 54 8.09 -5.85 0.73
CA GLN B 54 8.34 -5.31 -0.62
C GLN B 54 9.77 -4.79 -0.77
N GLY B 55 10.29 -4.24 0.33
CA GLY B 55 11.56 -3.52 0.28
C GLY B 55 12.66 -4.05 1.17
N HIS B 56 12.37 -5.08 1.94
CA HIS B 56 13.31 -5.54 2.93
C HIS B 56 13.38 -7.07 3.01
N PHE B 57 13.98 -7.74 2.02
CA PHE B 57 14.58 -7.13 0.82
C PHE B 57 13.95 -7.74 -0.41
N PRO B 58 13.96 -7.01 -1.54
CA PRO B 58 13.25 -7.44 -2.69
C PRO B 58 13.17 -8.93 -2.96
N ASP B 59 14.23 -9.70 -3.00
CA ASP B 59 13.93 -11.14 -3.18
C ASP B 59 14.20 -11.98 -1.93
N LEU B 60 14.61 -11.32 -0.86
CA LEU B 60 15.05 -11.97 0.34
C LEU B 60 14.34 -11.41 1.58
N PRO B 61 13.22 -12.02 1.97
CA PRO B 61 12.43 -11.43 3.04
C PRO B 61 13.11 -11.60 4.37
N VAL B 62 13.39 -10.48 5.03
CA VAL B 62 14.03 -10.50 6.34
C VAL B 62 13.34 -9.48 7.23
N MET B 63 12.79 -9.94 8.33
CA MET B 63 12.06 -9.08 9.24
C MET B 63 12.99 -8.03 9.81
N PRO B 64 12.66 -6.73 9.62
CA PRO B 64 13.59 -5.73 10.10
C PRO B 64 13.71 -5.74 11.61
N GLY B 65 14.93 -5.76 12.11
CA GLY B 65 15.16 -5.68 13.53
C GLY B 65 14.40 -4.57 14.20
N VAL B 66 14.38 -3.38 13.58
CA VAL B 66 13.73 -2.23 14.24
C VAL B 66 12.23 -2.46 14.46
N LEU B 67 11.61 -3.29 13.62
CA LEU B 67 10.18 -3.60 13.81
C LEU B 67 10.01 -4.60 14.96
N ILE B 68 10.98 -5.50 15.11
CA ILE B 68 10.99 -6.34 16.28
C ILE B 68 11.15 -5.44 17.52
N ILE B 69 12.09 -4.51 17.48
CA ILE B 69 12.24 -3.53 18.57
C ILE B 69 10.92 -2.79 18.87
N GLU B 70 10.24 -2.35 17.83
CA GLU B 70 9.01 -1.62 18.00
C GLU B 70 7.93 -2.45 18.69
N ALA B 71 7.84 -3.73 18.30
CA ALA B 71 6.93 -4.69 18.93
C ALA B 71 7.27 -4.83 20.42
N MET B 72 8.56 -5.03 20.72
CA MET B 72 9.03 -5.13 22.10
C MET B 72 8.54 -3.93 22.89
N ALA B 73 8.75 -2.72 22.35
CA ALA B 73 8.27 -1.47 22.99
C ALA B 73 6.77 -1.43 23.16
N GLN B 74 6.03 -1.87 22.15
CA GLN B 74 4.57 -1.92 22.24
C GLN B 74 4.11 -2.90 23.33
N ALA B 75 4.84 -4.01 23.47
CA ALA B 75 4.52 -4.98 24.51
C ALA B 75 4.75 -4.37 25.88
N CYS B 76 5.92 -3.76 26.08
CA CYS B 76 6.20 -3.04 27.33
C CYS B 76 5.07 -2.03 27.64
N GLY B 77 4.75 -1.19 26.67
CA GLY B 77 3.70 -0.20 26.83
C GLY B 77 2.37 -0.80 27.20
N THR B 78 2.01 -1.96 26.64
CA THR B 78 0.70 -2.53 26.94
C THR B 78 0.70 -3.13 28.35
N LEU B 79 1.78 -3.79 28.72
CA LEU B 79 2.01 -4.20 30.12
C LEU B 79 1.73 -3.05 31.07
N ALA B 80 2.32 -1.89 30.77
CA ALA B 80 2.10 -0.72 31.63
C ALA B 80 0.62 -0.32 31.66
N ILE B 81 0.02 -0.22 30.48
CA ILE B 81 -1.35 0.26 30.35
C ILE B 81 -2.31 -0.66 31.07
N LEU B 82 -2.14 -1.95 30.87
CA LEU B 82 -3.01 -2.94 31.51
C LEU B 82 -2.87 -2.89 33.01
N SER B 83 -1.64 -2.64 33.48
CA SER B 83 -1.35 -2.54 34.93
C SER B 83 -2.06 -1.42 35.68
N GLU B 84 -2.35 -0.29 35.03
CA GLU B 84 -3.18 0.76 35.65
C GLU B 84 -4.61 0.77 35.10
N GLY B 85 -5.05 -0.37 34.56
CA GLY B 85 -6.36 -0.50 33.90
C GLY B 85 -6.72 0.58 32.90
N GLY B 86 -5.73 1.16 32.23
CA GLY B 86 -5.91 2.33 31.36
C GLY B 86 -6.47 1.99 30.00
N ARG B 87 -6.56 2.99 29.13
CA ARG B 87 -7.01 2.83 27.72
C ARG B 87 -6.19 3.72 26.77
N LYS B 88 -6.48 3.63 25.46
CA LYS B 88 -5.80 4.44 24.41
C LYS B 88 -6.19 5.93 24.43
N GLU B 89 -7.42 6.22 24.88
CA GLU B 89 -8.01 7.60 24.89
C GLU B 89 -7.64 8.55 26.09
N ASN B 90 -7.00 8.03 27.17
CA ASN B 90 -6.59 8.91 28.34
C ASN B 90 -5.21 9.69 28.23
N GLU B 91 -4.11 9.08 28.68
CA GLU B 91 -2.74 9.62 28.56
C GLU B 91 -1.83 8.53 27.90
N PHE B 92 -0.55 8.81 27.73
CA PHE B 92 0.31 8.05 26.77
C PHE B 92 1.71 7.69 27.31
N PHE B 93 2.22 6.50 26.94
CA PHE B 93 3.60 6.08 27.25
C PHE B 93 4.56 6.22 26.07
N PHE B 94 5.48 7.17 26.17
CA PHE B 94 6.45 7.45 25.11
C PHE B 94 7.53 6.41 25.11
N PHE B 95 8.08 6.17 23.94
CA PHE B 95 9.24 5.36 23.76
C PHE B 95 10.43 6.29 24.02
N ALA B 96 11.14 6.08 25.13
CA ALA B 96 12.19 7.03 25.57
C ALA B 96 13.58 6.61 25.17
N GLY B 97 13.85 5.31 25.18
CA GLY B 97 15.17 4.85 24.76
C GLY B 97 15.28 3.35 24.63
N ILE B 98 16.37 2.93 24.02
CA ILE B 98 16.70 1.53 23.85
C ILE B 98 18.10 1.41 24.39
N ASP B 99 18.39 0.34 25.13
CA ASP B 99 19.65 0.27 25.85
C ASP B 99 20.68 -0.74 25.37
N GLU B 100 20.33 -2.02 25.29
CA GLU B 100 21.39 -2.99 25.10
C GLU B 100 20.92 -4.01 24.10
N ALA B 101 20.54 -3.49 22.95
CA ALA B 101 19.81 -4.26 21.97
C ALA B 101 20.77 -5.08 21.14
N ARG B 102 20.57 -6.39 21.11
CA ARG B 102 21.36 -7.25 20.25
C ARG B 102 20.44 -7.99 19.30
N PHE B 103 20.87 -8.08 18.05
CA PHE B 103 20.17 -8.81 17.00
C PHE B 103 20.92 -10.09 16.76
N LYS B 104 20.36 -11.21 17.20
CA LYS B 104 21.11 -12.47 17.24
C LYS B 104 20.71 -13.46 16.18
N ARG B 105 19.52 -13.33 15.63
CA ARG B 105 19.02 -14.31 14.66
C ARG B 105 18.18 -13.61 13.58
N GLN B 106 18.39 -13.99 12.32
CA GLN B 106 17.47 -13.62 11.25
C GLN B 106 16.08 -14.17 11.51
N VAL B 107 15.06 -13.31 11.43
CA VAL B 107 13.66 -13.71 11.52
C VAL B 107 13.02 -13.65 10.12
N ILE B 108 12.23 -14.67 9.76
CA ILE B 108 11.75 -14.81 8.38
C ILE B 108 10.28 -15.20 8.32
N PRO B 109 9.65 -15.01 7.14
CA PRO B 109 8.25 -15.41 7.03
C PRO B 109 8.05 -16.89 7.49
N GLY B 110 7.02 -17.12 8.27
CA GLY B 110 6.80 -18.42 8.87
C GLY B 110 7.07 -18.39 10.36
N ASP B 111 8.02 -17.57 10.80
CA ASP B 111 8.34 -17.45 12.21
C ASP B 111 7.26 -16.75 12.99
N GLN B 112 6.99 -17.29 14.17
CA GLN B 112 6.14 -16.63 15.11
C GLN B 112 7.04 -16.04 16.20
N LEU B 113 7.00 -14.72 16.35
CA LEU B 113 7.80 -14.06 17.37
C LEU B 113 7.05 -14.12 18.67
N VAL B 114 7.72 -14.63 19.71
CA VAL B 114 7.17 -14.60 21.07
C VAL B 114 7.95 -13.56 21.86
N PHE B 115 7.22 -12.58 22.37
CA PHE B 115 7.82 -11.50 23.14
C PHE B 115 7.53 -11.68 24.60
N GLU B 116 8.58 -11.69 25.39
CA GLU B 116 8.46 -11.72 26.85
C GLU B 116 9.11 -10.47 27.40
N VAL B 117 8.34 -9.68 28.13
CA VAL B 117 8.87 -8.46 28.67
C VAL B 117 8.66 -8.43 30.17
N GLU B 118 9.50 -7.66 30.83
CA GLU B 118 9.48 -7.59 32.29
C GLU B 118 9.77 -6.17 32.76
N LEU B 119 8.91 -5.66 33.63
CA LEU B 119 9.11 -4.33 34.23
C LEU B 119 10.26 -4.46 35.25
N LEU B 120 11.36 -3.75 35.03
CA LEU B 120 12.47 -3.81 35.98
C LEU B 120 12.31 -2.74 37.07
N THR B 121 12.39 -1.46 36.70
CA THR B 121 12.30 -0.36 37.66
C THR B 121 11.32 0.70 37.17
N SER B 122 10.73 1.44 38.10
CA SER B 122 9.78 2.49 37.75
C SER B 122 10.15 3.82 38.44
N ARG B 123 11.35 4.33 38.15
CA ARG B 123 11.83 5.53 38.83
C ARG B 123 11.21 6.79 38.21
N ARG B 124 10.10 7.24 38.82
CA ARG B 124 9.45 8.54 38.52
C ARG B 124 8.93 8.72 37.10
N GLY B 125 7.88 7.96 36.79
CA GLY B 125 7.26 8.00 35.47
C GLY B 125 8.02 7.25 34.37
N ILE B 126 9.31 6.95 34.57
CA ILE B 126 10.13 6.28 33.57
C ILE B 126 10.25 4.80 33.94
N GLY B 127 9.76 3.94 33.06
CA GLY B 127 9.80 2.50 33.25
C GLY B 127 10.94 1.90 32.46
N LYS B 128 11.75 1.07 33.11
CA LYS B 128 12.85 0.36 32.46
C LYS B 128 12.42 -1.10 32.36
N PHE B 129 12.47 -1.66 31.15
CA PHE B 129 11.96 -3.01 30.90
C PHE B 129 13.05 -3.84 30.29
N ASN B 130 13.01 -5.13 30.59
CA ASN B 130 13.83 -6.08 29.86
C ASN B 130 12.89 -6.73 28.85
N ALA B 131 13.38 -6.94 27.64
CA ALA B 131 12.55 -7.52 26.62
C ALA B 131 13.35 -8.45 25.76
N VAL B 132 12.73 -9.59 25.45
CA VAL B 132 13.34 -10.57 24.58
C VAL B 132 12.31 -11.00 23.55
N ALA B 133 12.80 -11.37 22.37
CA ALA B 133 11.94 -11.87 21.32
C ALA B 133 12.50 -13.19 20.85
N LYS B 134 11.70 -14.25 20.99
CA LYS B 134 12.11 -15.59 20.60
C LYS B 134 11.34 -16.09 19.40
N VAL B 135 12.02 -16.93 18.62
CA VAL B 135 11.40 -17.77 17.60
C VAL B 135 11.79 -19.20 17.97
N ASP B 136 10.78 -20.05 18.17
CA ASP B 136 11.00 -21.47 18.48
C ASP B 136 11.94 -21.66 19.67
N GLY B 137 11.77 -20.83 20.71
CA GLY B 137 12.62 -20.94 21.89
C GLY B 137 13.97 -20.25 21.84
N GLN B 138 14.54 -20.06 20.66
CA GLN B 138 15.80 -19.31 20.48
C GLN B 138 15.60 -17.79 20.51
N VAL B 139 16.52 -17.10 21.17
CA VAL B 139 16.49 -15.63 21.20
C VAL B 139 16.87 -15.06 19.84
N ALA B 140 16.04 -14.14 19.34
CA ALA B 140 16.34 -13.44 18.07
C ALA B 140 16.78 -12.02 18.34
N VAL B 141 16.09 -11.37 19.28
CA VAL B 141 16.45 -10.03 19.68
C VAL B 141 16.26 -9.93 21.18
N GLU B 142 17.17 -9.24 21.84
CA GLU B 142 17.00 -8.86 23.24
C GLU B 142 17.38 -7.39 23.39
N ALA B 143 16.75 -6.72 24.35
CA ALA B 143 16.98 -5.30 24.55
C ALA B 143 16.38 -4.81 25.86
N ILE B 144 16.90 -3.68 26.35
CA ILE B 144 16.28 -2.95 27.44
C ILE B 144 15.48 -1.81 26.81
N ILE B 145 14.24 -1.63 27.24
CA ILE B 145 13.34 -0.66 26.66
C ILE B 145 12.91 0.33 27.73
N MET B 146 13.06 1.63 27.47
CA MET B 146 12.54 2.65 28.38
C MET B 146 11.29 3.25 27.81
N CYS B 147 10.24 3.31 28.64
CA CYS B 147 9.03 4.07 28.35
C CYS B 147 8.83 5.16 29.40
N ALA B 148 8.26 6.28 28.98
CA ALA B 148 8.03 7.44 29.84
C ALA B 148 6.56 7.82 29.77
N LYS B 149 5.93 8.04 30.92
CA LYS B 149 4.50 8.31 30.95
C LYS B 149 4.08 9.68 30.35
N VAL C 6 0.72 -2.52 -35.91
CA VAL C 6 0.59 -2.87 -34.46
C VAL C 6 -0.77 -3.51 -34.16
N GLN C 7 -0.81 -4.45 -33.22
CA GLN C 7 -2.00 -5.27 -32.98
C GLN C 7 -2.94 -4.70 -31.89
N LEU C 8 -4.18 -4.38 -32.24
CA LEU C 8 -5.12 -3.77 -31.30
C LEU C 8 -6.15 -4.77 -30.81
N PRO C 9 -6.60 -4.66 -29.54
CA PRO C 9 -6.21 -3.69 -28.53
C PRO C 9 -4.83 -3.99 -27.92
N ILE C 10 -4.13 -2.95 -27.47
CA ILE C 10 -2.90 -3.18 -26.72
C ILE C 10 -3.26 -3.31 -25.24
N GLU C 11 -2.96 -4.46 -24.66
CA GLU C 11 -3.32 -4.72 -23.27
C GLU C 11 -2.28 -4.11 -22.32
N ALA C 12 -2.70 -3.89 -21.07
CA ALA C 12 -1.83 -3.32 -20.05
C ALA C 12 -0.45 -3.97 -20.02
N LYS C 13 -0.41 -5.31 -20.07
CA LYS C 13 0.87 -6.03 -20.09
C LYS C 13 1.80 -5.56 -21.20
N ASP C 14 1.22 -5.08 -22.30
CA ASP C 14 2.03 -4.56 -23.41
C ASP C 14 2.25 -3.04 -23.38
N ILE C 15 1.30 -2.29 -22.82
CA ILE C 15 1.51 -0.87 -22.52
C ILE C 15 2.80 -0.69 -21.70
N GLN C 16 3.07 -1.66 -20.82
CA GLN C 16 4.26 -1.64 -19.96
C GLN C 16 5.59 -1.87 -20.70
N LYS C 17 5.49 -2.45 -21.89
CA LYS C 17 6.66 -2.59 -22.75
C LYS C 17 6.94 -1.28 -23.45
N LEU C 18 5.92 -0.43 -23.56
CA LEU C 18 6.05 0.88 -24.22
C LEU C 18 6.47 2.03 -23.30
N ILE C 19 5.93 2.09 -22.09
CA ILE C 19 6.26 3.17 -21.15
C ILE C 19 6.73 2.63 -19.80
N PRO C 20 7.59 3.39 -19.11
CA PRO C 20 8.19 2.85 -17.88
C PRO C 20 7.26 2.87 -16.63
N HIS C 21 6.12 3.56 -16.72
CA HIS C 21 5.22 3.79 -15.57
C HIS C 21 4.69 2.48 -15.03
N ARG C 22 4.69 2.36 -13.71
CA ARG C 22 4.16 1.18 -13.05
C ARG C 22 3.28 1.59 -11.91
N TYR C 23 2.70 0.60 -11.24
CA TYR C 23 1.84 0.82 -10.09
C TYR C 23 2.50 1.68 -9.04
N PRO C 24 1.82 2.71 -8.53
CA PRO C 24 0.45 3.14 -8.77
C PRO C 24 0.32 4.30 -9.74
N PHE C 25 1.25 4.42 -10.68
CA PHE C 25 1.24 5.56 -11.58
C PHE C 25 1.12 5.20 -13.06
N LEU C 26 0.67 3.98 -13.33
CA LEU C 26 0.23 3.60 -14.66
C LEU C 26 -1.28 3.79 -14.71
N GLN C 27 -1.74 4.75 -15.53
CA GLN C 27 -3.14 5.18 -15.53
C GLN C 27 -3.85 4.90 -16.85
N LEU C 28 -3.35 3.93 -17.61
CA LEU C 28 -4.01 3.40 -18.78
C LEU C 28 -4.16 1.89 -18.61
N ASP C 29 -5.34 1.37 -18.90
CA ASP C 29 -5.59 -0.06 -18.86
C ASP C 29 -5.45 -0.73 -20.22
N ARG C 30 -5.76 -0.01 -21.31
CA ARG C 30 -5.84 -0.62 -22.64
C ARG C 30 -5.85 0.43 -23.73
N ILE C 31 -5.05 0.22 -24.77
CA ILE C 31 -5.12 1.05 -25.99
C ILE C 31 -6.08 0.40 -26.99
N THR C 32 -7.10 1.14 -27.43
CA THR C 32 -8.14 0.56 -28.30
C THR C 32 -8.13 1.06 -29.76
N ALA C 33 -7.53 2.21 -30.02
CA ALA C 33 -7.51 2.79 -31.36
C ALA C 33 -6.22 3.54 -31.57
N PHE C 34 -5.76 3.61 -32.82
CA PHE C 34 -4.46 4.24 -33.11
C PHE C 34 -4.29 4.54 -34.60
N GLU C 35 -4.09 5.83 -34.92
CA GLU C 35 -3.70 6.30 -36.26
C GLU C 35 -2.33 6.95 -36.17
N PRO C 36 -1.30 6.32 -36.78
CA PRO C 36 0.06 6.85 -36.68
C PRO C 36 0.11 8.36 -36.89
N MET C 37 0.86 9.03 -36.02
CA MET C 37 1.10 10.47 -36.07
C MET C 37 -0.17 11.35 -35.97
N LYS C 38 -1.29 10.76 -35.58
CA LYS C 38 -2.60 11.45 -35.57
C LYS C 38 -3.42 11.29 -34.28
N THR C 39 -3.96 10.09 -34.05
CA THR C 39 -4.87 9.87 -32.93
C THR C 39 -4.66 8.56 -32.21
N LEU C 40 -5.22 8.51 -30.99
CA LEU C 40 -5.20 7.31 -30.17
C LEU C 40 -6.39 7.32 -29.22
N THR C 41 -6.97 6.14 -29.00
CA THR C 41 -7.97 5.97 -27.96
C THR C 41 -7.45 4.96 -26.94
N ALA C 42 -7.65 5.28 -25.66
CA ALA C 42 -7.28 4.41 -24.58
C ALA C 42 -8.34 4.44 -23.50
N ILE C 43 -8.41 3.38 -22.69
CA ILE C 43 -9.31 3.37 -21.56
C ILE C 43 -8.60 3.17 -20.22
N LYS C 44 -9.27 3.63 -19.17
CA LYS C 44 -8.86 3.43 -17.80
C LYS C 44 -10.11 3.16 -17.03
N ASN C 45 -10.18 1.98 -16.44
CA ASN C 45 -11.29 1.62 -15.61
C ASN C 45 -11.13 2.24 -14.22
N VAL C 46 -12.18 2.85 -13.69
CA VAL C 46 -12.13 3.41 -12.36
C VAL C 46 -12.85 2.46 -11.38
N SER C 47 -12.11 2.03 -10.36
CA SER C 47 -12.60 1.06 -9.43
C SER C 47 -12.35 1.57 -8.01
N ILE C 48 -13.22 1.19 -7.09
CA ILE C 48 -13.08 1.55 -5.68
C ILE C 48 -11.84 0.86 -5.11
N ASN C 49 -11.40 -0.22 -5.75
CA ASN C 49 -10.18 -0.92 -5.32
C ASN C 49 -8.88 -0.30 -5.87
N GLU C 50 -8.79 1.02 -5.90
CA GLU C 50 -7.57 1.71 -6.32
C GLU C 50 -6.95 2.52 -5.16
N PRO C 51 -5.61 2.60 -5.09
CA PRO C 51 -4.99 3.14 -3.89
C PRO C 51 -5.38 4.59 -3.56
N GLN C 52 -5.72 5.39 -4.56
CA GLN C 52 -6.07 6.78 -4.32
C GLN C 52 -7.35 6.93 -3.52
N PHE C 53 -8.21 5.91 -3.55
CA PHE C 53 -9.49 6.02 -2.87
C PHE C 53 -9.45 5.77 -1.38
N GLN C 54 -8.29 5.45 -0.81
CA GLN C 54 -8.13 5.52 0.66
C GLN C 54 -8.23 6.94 1.18
N GLY C 55 -7.73 7.88 0.39
CA GLY C 55 -7.60 9.27 0.81
C GLY C 55 -8.36 10.32 0.05
N HIS C 56 -9.07 9.91 -0.99
CA HIS C 56 -9.66 10.89 -1.91
C HIS C 56 -11.05 10.51 -2.38
N PHE C 57 -12.06 10.57 -1.52
CA PHE C 57 -11.93 10.99 -0.12
C PHE C 57 -12.44 9.89 0.81
N PRO C 58 -12.02 9.91 2.07
CA PRO C 58 -12.30 8.81 2.96
C PRO C 58 -13.66 8.16 2.82
N ASP C 59 -14.78 8.85 2.80
CA ASP C 59 -16.02 8.03 2.58
C ASP C 59 -16.68 8.30 1.25
N LEU C 60 -16.02 9.12 0.44
CA LEU C 60 -16.59 9.62 -0.78
C LEU C 60 -15.58 9.47 -1.94
N PRO C 61 -15.60 8.32 -2.62
CA PRO C 61 -14.63 8.09 -3.66
C PRO C 61 -14.83 9.00 -4.84
N VAL C 62 -13.81 9.77 -5.17
CA VAL C 62 -13.84 10.69 -6.30
C VAL C 62 -12.49 10.61 -7.01
N MET C 63 -12.51 10.25 -8.28
CA MET C 63 -11.28 10.12 -9.04
C MET C 63 -10.61 11.48 -9.14
N PRO C 64 -9.35 11.58 -8.68
CA PRO C 64 -8.70 12.88 -8.76
C PRO C 64 -8.50 13.36 -10.20
N GLY C 65 -8.87 14.60 -10.49
CA GLY C 65 -8.65 15.18 -11.78
C GLY C 65 -7.24 15.04 -12.27
N VAL C 66 -6.26 15.26 -11.38
CA VAL C 66 -4.86 15.20 -11.81
C VAL C 66 -4.44 13.81 -12.32
N LEU C 67 -5.09 12.75 -11.84
CA LEU C 67 -4.81 11.42 -12.36
C LEU C 67 -5.45 11.22 -13.71
N ILE C 68 -6.59 11.85 -13.93
CA ILE C 68 -7.15 11.84 -15.26
C ILE C 68 -6.19 12.59 -16.19
N ILE C 69 -5.71 13.75 -15.77
CA ILE C 69 -4.71 14.48 -16.54
C ILE C 69 -3.50 13.60 -16.86
N GLU C 70 -3.02 12.87 -15.87
CA GLU C 70 -1.86 12.02 -16.05
C GLU C 70 -2.09 10.93 -17.09
N ALA C 71 -3.28 10.36 -17.04
CA ALA C 71 -3.69 9.37 -18.04
C ALA C 71 -3.67 9.97 -19.45
N MET C 72 -4.27 11.16 -19.58
CA MET C 72 -4.30 11.90 -20.85
C MET C 72 -2.87 12.05 -21.36
N ALA C 73 -1.97 12.50 -20.49
CA ALA C 73 -0.55 12.64 -20.87
C ALA C 73 0.09 11.32 -21.28
N GLN C 74 -0.22 10.26 -20.55
CA GLN C 74 0.32 8.93 -20.89
C GLN C 74 -0.21 8.46 -22.25
N ALA C 75 -1.45 8.78 -22.56
CA ALA C 75 -2.04 8.40 -23.84
C ALA C 75 -1.33 9.17 -24.98
N CYS C 76 -1.17 10.48 -24.80
CA CYS C 76 -0.40 11.29 -25.74
C CYS C 76 0.99 10.70 -25.94
N GLY C 77 1.68 10.46 -24.84
CA GLY C 77 3.01 9.85 -24.92
C GLY C 77 3.04 8.53 -25.67
N THR C 78 2.04 7.68 -25.49
CA THR C 78 2.08 6.38 -26.16
C THR C 78 1.80 6.54 -27.67
N LEU C 79 0.86 7.41 -28.01
CA LEU C 79 0.63 7.82 -29.41
C LEU C 79 1.95 8.20 -30.06
N ALA C 80 2.73 9.04 -29.40
CA ALA C 80 4.05 9.43 -29.93
C ALA C 80 4.97 8.22 -30.06
N ILE C 81 5.09 7.44 -29.00
CA ILE C 81 6.00 6.30 -28.98
C ILE C 81 5.67 5.29 -30.07
N LEU C 82 4.41 4.94 -30.18
CA LEU C 82 3.96 4.00 -31.19
C LEU C 82 4.26 4.54 -32.60
N SER C 83 4.12 5.86 -32.78
CA SER C 83 4.30 6.49 -34.09
C SER C 83 5.74 6.41 -34.61
N GLU C 84 6.73 6.35 -33.74
CA GLU C 84 8.12 6.12 -34.17
C GLU C 84 8.56 4.71 -33.83
N GLY C 85 7.59 3.80 -33.69
CA GLY C 85 7.86 2.38 -33.38
C GLY C 85 8.80 2.14 -32.20
N GLY C 86 8.80 3.06 -31.24
CA GLY C 86 9.78 3.06 -30.15
C GLY C 86 9.42 2.10 -29.04
N ARG C 87 10.22 2.11 -27.97
CA ARG C 87 9.97 1.29 -26.77
C ARG C 87 10.32 2.10 -25.49
N LYS C 88 10.09 1.50 -24.33
CA LYS C 88 10.40 2.11 -23.01
C LYS C 88 11.90 2.24 -22.72
N GLU C 89 12.70 1.30 -23.27
CA GLU C 89 14.15 1.21 -23.03
C GLU C 89 15.07 2.17 -23.86
N ASN C 90 14.54 2.76 -24.93
CA ASN C 90 15.30 3.73 -25.76
C ASN C 90 14.77 5.20 -25.71
N GLU C 91 13.45 5.36 -25.92
CA GLU C 91 12.81 6.68 -26.09
C GLU C 91 11.89 7.05 -24.92
N PHE C 92 11.95 8.34 -24.54
CA PHE C 92 11.14 8.92 -23.47
C PHE C 92 10.66 10.37 -23.78
N PHE C 93 9.37 10.60 -23.54
CA PHE C 93 8.77 11.91 -23.72
C PHE C 93 8.40 12.56 -22.37
N PHE C 94 8.96 13.74 -22.11
CA PHE C 94 8.68 14.46 -20.88
C PHE C 94 7.31 15.11 -20.97
N PHE C 95 6.68 15.28 -19.81
CA PHE C 95 5.45 16.01 -19.68
C PHE C 95 5.86 17.47 -19.52
N ALA C 96 5.59 18.31 -20.53
CA ALA C 96 6.10 19.69 -20.54
C ALA C 96 5.13 20.73 -20.05
N GLY C 97 3.85 20.54 -20.34
CA GLY C 97 2.85 21.48 -19.84
C GLY C 97 1.42 21.06 -20.07
N ILE C 98 0.50 21.77 -19.41
CA ILE C 98 -0.93 21.56 -19.52
C ILE C 98 -1.51 22.92 -19.82
N ASP C 99 -2.47 23.00 -20.73
CA ASP C 99 -2.86 24.30 -21.26
C ASP C 99 -4.26 24.78 -20.93
N GLU C 100 -5.28 24.02 -21.27
CA GLU C 100 -6.61 24.60 -21.14
C GLU C 100 -7.51 23.57 -20.52
N ALA C 101 -7.08 23.12 -19.35
CA ALA C 101 -7.68 21.98 -18.71
C ALA C 101 -8.93 22.38 -17.96
N ARG C 102 -10.05 21.76 -18.29
CA ARG C 102 -11.26 21.98 -17.56
C ARG C 102 -11.72 20.64 -16.98
N PHE C 103 -12.17 20.70 -15.73
CA PHE C 103 -12.75 19.56 -15.06
C PHE C 103 -14.25 19.75 -15.03
N LYS C 104 -14.97 18.98 -15.85
CA LYS C 104 -16.38 19.20 -16.08
C LYS C 104 -17.31 18.25 -15.34
N ARG C 105 -16.84 17.06 -14.99
CA ARG C 105 -17.69 16.04 -14.40
C ARG C 105 -16.93 15.26 -13.33
N GLN C 106 -17.57 15.01 -12.19
CA GLN C 106 -17.07 14.05 -11.22
C GLN C 106 -17.01 12.66 -11.83
N VAL C 107 -15.88 12.00 -11.69
CA VAL C 107 -15.71 10.61 -12.13
C VAL C 107 -15.68 9.71 -10.88
N ILE C 108 -16.38 8.56 -10.93
CA ILE C 108 -16.54 7.71 -9.74
C ILE C 108 -16.33 6.21 -10.03
N PRO C 109 -16.08 5.42 -8.98
CA PRO C 109 -15.95 3.98 -9.21
C PRO C 109 -17.11 3.40 -10.03
N GLY C 110 -16.78 2.55 -11.00
CA GLY C 110 -17.77 2.07 -11.95
C GLY C 110 -17.62 2.73 -13.31
N ASP C 111 -17.16 3.99 -13.35
CA ASP C 111 -16.94 4.67 -14.62
C ASP C 111 -15.77 4.11 -15.37
N GLN C 112 -15.95 3.97 -16.67
CA GLN C 112 -14.87 3.67 -17.57
C GLN C 112 -14.47 4.93 -18.32
N LEU C 113 -13.21 5.36 -18.16
CA LEU C 113 -12.74 6.59 -18.80
C LEU C 113 -12.27 6.23 -20.18
N VAL C 114 -12.80 6.92 -21.17
CA VAL C 114 -12.35 6.78 -22.54
C VAL C 114 -11.56 8.02 -22.88
N PHE C 115 -10.30 7.82 -23.23
CA PHE C 115 -9.41 8.90 -23.59
C PHE C 115 -9.23 8.94 -25.10
N GLU C 116 -9.48 10.11 -25.70
CA GLU C 116 -9.23 10.34 -27.13
C GLU C 116 -8.25 11.49 -27.23
N VAL C 117 -7.12 11.22 -27.85
CA VAL C 117 -6.09 12.24 -27.97
C VAL C 117 -5.70 12.44 -29.43
N GLU C 118 -5.22 13.64 -29.74
CA GLU C 118 -4.89 14.01 -31.10
C GLU C 118 -3.64 14.85 -31.14
N LEU C 119 -2.69 14.46 -31.99
CA LEU C 119 -1.45 15.24 -32.21
C LEU C 119 -1.81 16.47 -33.03
N LEU C 120 -1.61 17.65 -32.46
CA LEU C 120 -1.91 18.88 -33.20
C LEU C 120 -0.65 19.34 -33.97
N THR C 121 0.39 19.75 -33.26
CA THR C 121 1.59 20.28 -33.90
C THR C 121 2.83 19.63 -33.30
N SER C 122 3.91 19.60 -34.06
CA SER C 122 5.14 19.02 -33.61
C SER C 122 6.34 19.93 -33.93
N ARG C 123 6.29 21.16 -33.42
CA ARG C 123 7.35 22.14 -33.72
C ARG C 123 8.61 21.86 -32.87
N ARG C 124 9.60 21.22 -33.49
CA ARG C 124 10.94 21.03 -32.91
C ARG C 124 10.97 20.16 -31.64
N GLY C 125 10.57 18.88 -31.76
CA GLY C 125 10.58 17.95 -30.62
C GLY C 125 9.50 18.15 -29.53
N ILE C 126 8.75 19.26 -29.58
CA ILE C 126 7.67 19.53 -28.62
C ILE C 126 6.32 19.29 -29.29
N GLY C 127 5.57 18.33 -28.75
CA GLY C 127 4.30 17.90 -29.32
C GLY C 127 3.16 18.49 -28.55
N LYS C 128 2.22 19.10 -29.27
CA LYS C 128 1.06 19.71 -28.65
C LYS C 128 -0.08 18.79 -29.02
N PHE C 129 -0.83 18.37 -28.00
CA PHE C 129 -1.94 17.43 -28.20
C PHE C 129 -3.22 18.03 -27.67
N ASN C 130 -4.32 17.65 -28.29
CA ASN C 130 -5.62 17.87 -27.72
C ASN C 130 -6.03 16.55 -27.08
N ALA C 131 -6.62 16.62 -25.88
CA ALA C 131 -7.01 15.41 -25.17
C ALA C 131 -8.32 15.61 -24.46
N VAL C 132 -9.16 14.60 -24.56
CA VAL C 132 -10.42 14.61 -23.85
C VAL C 132 -10.59 13.26 -23.13
N ALA C 133 -11.31 13.29 -22.03
CA ALA C 133 -11.63 12.08 -21.29
C ALA C 133 -13.12 12.00 -21.08
N LYS C 134 -13.73 10.93 -21.58
CA LYS C 134 -15.16 10.76 -21.52
C LYS C 134 -15.55 9.61 -20.64
N VAL C 135 -16.70 9.75 -19.99
CA VAL C 135 -17.41 8.67 -19.33
C VAL C 135 -18.76 8.59 -20.02
N ASP C 136 -19.05 7.42 -20.61
CA ASP C 136 -20.31 7.16 -21.29
C ASP C 136 -20.65 8.23 -22.32
N GLY C 137 -19.67 8.68 -23.08
CA GLY C 137 -19.87 9.73 -24.07
C GLY C 137 -19.76 11.17 -23.59
N GLN C 138 -20.09 11.46 -22.32
CA GLN C 138 -19.97 12.83 -21.78
C GLN C 138 -18.51 13.19 -21.49
N VAL C 139 -18.12 14.42 -21.80
CA VAL C 139 -16.80 14.92 -21.43
C VAL C 139 -16.67 15.14 -19.91
N ALA C 140 -15.61 14.59 -19.33
CA ALA C 140 -15.33 14.78 -17.91
C ALA C 140 -14.17 15.74 -17.74
N VAL C 141 -13.16 15.55 -18.57
CA VAL C 141 -11.99 16.41 -18.54
C VAL C 141 -11.54 16.63 -19.97
N GLU C 142 -11.14 17.86 -20.27
CA GLU C 142 -10.50 18.19 -21.56
C GLU C 142 -9.31 19.08 -21.27
N ALA C 143 -8.31 18.99 -22.13
CA ALA C 143 -7.07 19.70 -21.92
C ALA C 143 -6.17 19.65 -23.15
N ILE C 144 -5.26 20.62 -23.23
CA ILE C 144 -4.15 20.55 -24.18
C ILE C 144 -2.94 20.05 -23.42
N ILE C 145 -2.23 19.08 -23.98
CA ILE C 145 -1.09 18.46 -23.31
C ILE C 145 0.14 18.66 -24.16
N MET C 146 1.23 19.18 -23.56
CA MET C 146 2.52 19.24 -24.25
C MET C 146 3.47 18.17 -23.74
N CYS C 147 4.09 17.45 -24.69
CA CYS C 147 5.15 16.53 -24.39
C CYS C 147 6.41 16.95 -25.15
N ALA C 148 7.58 16.67 -24.57
CA ALA C 148 8.86 17.03 -25.16
C ALA C 148 9.74 15.80 -25.24
N LYS C 149 10.40 15.58 -26.37
CA LYS C 149 11.19 14.35 -26.56
C LYS C 149 12.47 14.25 -25.71
N VAL D 6 34.16 9.91 -4.90
CA VAL D 6 32.67 9.75 -5.08
C VAL D 6 32.01 11.13 -5.20
N GLN D 7 30.97 11.23 -6.01
CA GLN D 7 30.36 12.52 -6.35
C GLN D 7 29.20 12.89 -5.41
N LEU D 8 29.29 14.01 -4.70
CA LEU D 8 28.26 14.42 -3.77
C LEU D 8 27.39 15.53 -4.36
N PRO D 9 26.09 15.58 -4.01
CA PRO D 9 25.36 14.65 -3.15
C PRO D 9 25.09 13.33 -3.84
N ILE D 10 24.97 12.24 -3.07
CA ILE D 10 24.51 10.97 -3.64
C ILE D 10 23.00 10.94 -3.57
N GLU D 11 22.34 10.90 -4.73
CA GLU D 11 20.87 10.92 -4.78
C GLU D 11 20.29 9.53 -4.49
N ALA D 12 19.04 9.50 -4.05
CA ALA D 12 18.33 8.28 -3.72
C ALA D 12 18.54 7.22 -4.80
N LYS D 13 18.42 7.61 -6.07
CA LYS D 13 18.61 6.65 -7.16
C LYS D 13 19.95 5.96 -7.10
N ASP D 14 20.94 6.61 -6.50
CA ASP D 14 22.26 6.03 -6.37
C ASP D 14 22.52 5.36 -5.02
N ILE D 15 21.88 5.85 -3.97
CA ILE D 15 21.87 5.12 -2.69
C ILE D 15 21.40 3.68 -2.92
N GLN D 16 20.48 3.49 -3.86
CA GLN D 16 19.95 2.17 -4.18
C GLN D 16 20.94 1.24 -4.89
N LYS D 17 21.92 1.81 -5.55
CA LYS D 17 22.99 1.02 -6.13
C LYS D 17 23.95 0.55 -5.02
N LEU D 18 23.95 1.23 -3.87
CA LEU D 18 24.81 0.89 -2.73
C LEU D 18 24.21 -0.10 -1.73
N ILE D 19 22.92 0.05 -1.41
CA ILE D 19 22.26 -0.85 -0.45
C ILE D 19 20.98 -1.48 -1.02
N PRO D 20 20.61 -2.68 -0.56
CA PRO D 20 19.51 -3.39 -1.19
C PRO D 20 18.12 -2.89 -0.78
N HIS D 21 18.05 -2.04 0.25
CA HIS D 21 16.78 -1.61 0.82
C HIS D 21 15.92 -0.90 -0.22
N ARG D 22 14.61 -1.22 -0.24
CA ARG D 22 13.67 -0.55 -1.12
C ARG D 22 12.39 -0.22 -0.39
N TYR D 23 11.48 0.48 -1.06
CA TYR D 23 10.23 0.94 -0.47
C TYR D 23 9.51 -0.24 0.16
N PRO D 24 8.99 -0.08 1.37
CA PRO D 24 8.97 1.06 2.26
C PRO D 24 10.05 1.07 3.34
N PHE D 25 11.18 0.44 3.06
CA PHE D 25 12.25 0.37 4.05
C PHE D 25 13.60 1.04 3.68
N LEU D 26 13.57 1.92 2.68
CA LEU D 26 14.68 2.79 2.38
C LEU D 26 14.39 4.13 3.04
N GLN D 27 15.19 4.45 4.06
CA GLN D 27 14.91 5.59 4.95
C GLN D 27 16.00 6.70 4.85
N LEU D 28 16.69 6.75 3.72
CA LEU D 28 17.55 7.85 3.37
C LEU D 28 17.14 8.38 2.01
N ASP D 29 17.08 9.71 1.90
CA ASP D 29 16.76 10.35 0.63
C ASP D 29 18.00 10.81 -0.13
N ARG D 30 19.06 11.18 0.59
CA ARG D 30 20.23 11.80 -0.03
C ARG D 30 21.43 11.78 0.89
N ILE D 31 22.58 11.41 0.37
CA ILE D 31 23.85 11.55 1.12
C ILE D 31 24.47 12.89 0.76
N THR D 32 24.74 13.72 1.76
CA THR D 32 25.27 15.07 1.52
C THR D 32 26.73 15.30 1.94
N ALA D 33 27.28 14.47 2.81
CA ALA D 33 28.68 14.61 3.26
C ALA D 33 29.28 13.25 3.49
N PHE D 34 30.59 13.15 3.27
CA PHE D 34 31.27 11.86 3.41
C PHE D 34 32.79 12.03 3.57
N GLU D 35 33.32 11.54 4.70
CA GLU D 35 34.76 11.42 4.93
C GLU D 35 35.13 9.95 5.06
N PRO D 36 35.87 9.38 4.07
CA PRO D 36 36.15 7.92 4.09
C PRO D 36 36.63 7.43 5.46
N MET D 37 36.05 6.31 5.90
CA MET D 37 36.37 5.69 7.19
C MET D 37 36.08 6.53 8.45
N LYS D 38 35.37 7.65 8.29
CA LYS D 38 35.19 8.60 9.40
C LYS D 38 33.73 9.05 9.61
N THR D 39 33.20 9.88 8.71
CA THR D 39 31.87 10.46 8.90
C THR D 39 31.01 10.43 7.64
N LEU D 40 29.70 10.62 7.85
CA LEU D 40 28.75 10.78 6.77
C LEU D 40 27.57 11.60 7.23
N THR D 41 27.07 12.44 6.34
CA THR D 41 25.78 13.14 6.57
C THR D 41 24.79 12.69 5.49
N ALA D 42 23.56 12.44 5.93
CA ALA D 42 22.48 12.07 5.04
C ALA D 42 21.22 12.77 5.47
N ILE D 43 20.27 12.93 4.56
CA ILE D 43 18.96 13.45 4.95
C ILE D 43 17.84 12.48 4.63
N LYS D 44 16.74 12.66 5.36
CA LYS D 44 15.48 12.00 5.09
C LYS D 44 14.40 13.03 5.31
N ASN D 45 13.65 13.31 4.26
CA ASN D 45 12.52 14.21 4.33
C ASN D 45 11.31 13.51 4.93
N VAL D 46 10.65 14.13 5.90
CA VAL D 46 9.47 13.54 6.49
C VAL D 46 8.24 14.19 5.88
N SER D 47 7.38 13.37 5.28
CA SER D 47 6.19 13.86 4.62
C SER D 47 4.99 13.10 5.11
N ILE D 48 3.85 13.75 5.12
CA ILE D 48 2.58 13.12 5.50
C ILE D 48 2.23 12.02 4.47
N ASN D 49 2.76 12.12 3.24
CA ASN D 49 2.54 11.09 2.21
C ASN D 49 3.46 9.90 2.33
N GLU D 50 3.68 9.41 3.55
CA GLU D 50 4.49 8.22 3.75
C GLU D 50 3.65 7.10 4.37
N PRO D 51 3.95 5.83 4.05
CA PRO D 51 3.03 4.74 4.43
C PRO D 51 2.82 4.54 5.91
N GLN D 52 3.82 4.87 6.71
CA GLN D 52 3.70 4.75 8.16
C GLN D 52 2.63 5.64 8.78
N PHE D 53 2.34 6.75 8.14
CA PHE D 53 1.40 7.70 8.72
C PHE D 53 -0.06 7.35 8.57
N GLN D 54 -0.41 6.25 7.91
CA GLN D 54 -1.78 5.74 8.02
C GLN D 54 -2.06 5.23 9.40
N GLY D 55 -1.02 4.68 10.05
CA GLY D 55 -1.20 4.01 11.33
C GLY D 55 -0.47 4.58 12.52
N HIS D 56 0.33 5.61 12.30
CA HIS D 56 1.18 6.11 13.37
C HIS D 56 1.21 7.64 13.44
N PHE D 57 0.14 8.29 13.89
CA PHE D 57 -1.10 7.68 14.35
C PHE D 57 -2.29 8.26 13.56
N PRO D 58 -3.41 7.53 13.54
CA PRO D 58 -4.46 7.91 12.64
C PRO D 58 -4.76 9.37 12.48
N ASP D 59 -4.91 10.18 13.52
CA ASP D 59 -5.12 11.61 13.18
C ASP D 59 -3.94 12.49 13.57
N LEU D 60 -2.88 11.86 14.05
CA LEU D 60 -1.75 12.52 14.63
C LEU D 60 -0.45 11.95 14.04
N PRO D 61 0.01 12.48 12.91
CA PRO D 61 1.21 11.95 12.30
C PRO D 61 2.45 12.20 13.14
N VAL D 62 3.11 11.12 13.52
CA VAL D 62 4.34 11.18 14.32
C VAL D 62 5.34 10.17 13.77
N MET D 63 6.48 10.64 13.33
CA MET D 63 7.48 9.79 12.74
C MET D 63 7.95 8.78 13.77
N PRO D 64 7.79 7.48 13.48
CA PRO D 64 8.24 6.50 14.47
C PRO D 64 9.73 6.57 14.75
N GLY D 65 10.07 6.59 16.01
CA GLY D 65 11.48 6.55 16.43
C GLY D 65 12.26 5.43 15.78
N VAL D 66 11.67 4.24 15.69
CA VAL D 66 12.42 3.10 15.15
C VAL D 66 12.81 3.29 13.71
N LEU D 67 12.03 4.07 12.95
CA LEU D 67 12.39 4.37 11.56
C LEU D 67 13.50 5.37 11.51
N ILE D 68 13.55 6.26 12.50
CA ILE D 68 14.69 7.15 12.60
C ILE D 68 15.91 6.31 12.93
N ILE D 69 15.80 5.43 13.90
CA ILE D 69 16.88 4.47 14.16
C ILE D 69 17.34 3.70 12.89
N GLU D 70 16.39 3.23 12.09
CA GLU D 70 16.71 2.47 10.90
C GLU D 70 17.49 3.31 9.90
N ALA D 71 17.09 4.56 9.75
CA ALA D 71 17.81 5.52 8.91
C ALA D 71 19.24 5.71 9.39
N MET D 72 19.39 5.93 10.70
CA MET D 72 20.71 6.04 11.33
C MET D 72 21.58 4.82 10.95
N ALA D 73 21.03 3.62 11.12
CA ALA D 73 21.74 2.39 10.76
C ALA D 73 22.09 2.33 9.30
N GLN D 74 21.17 2.75 8.43
CA GLN D 74 21.41 2.76 6.99
C GLN D 74 22.53 3.75 6.62
N ALA D 75 22.57 4.88 7.33
CA ALA D 75 23.61 5.85 7.11
C ALA D 75 24.97 5.25 7.49
N CYS D 76 25.03 4.64 8.68
CA CYS D 76 26.24 3.95 9.14
C CYS D 76 26.68 2.92 8.11
N GLY D 77 25.75 2.06 7.69
CA GLY D 77 26.04 1.06 6.69
C GLY D 77 26.60 1.64 5.40
N THR D 78 26.08 2.79 4.96
CA THR D 78 26.52 3.36 3.68
C THR D 78 27.91 3.99 3.81
N LEU D 79 28.14 4.67 4.94
CA LEU D 79 29.48 5.09 5.31
C LEU D 79 30.50 3.94 5.15
N ALA D 80 30.18 2.79 5.72
CA ALA D 80 31.05 1.62 5.63
C ALA D 80 31.24 1.20 4.19
N ILE D 81 30.15 1.04 3.46
CA ILE D 81 30.20 0.54 2.09
C ILE D 81 31.02 1.48 1.19
N LEU D 82 30.76 2.77 1.30
CA LEU D 82 31.47 3.74 0.50
C LEU D 82 32.97 3.70 0.81
N SER D 83 33.30 3.50 2.08
CA SER D 83 34.70 3.48 2.53
C SER D 83 35.55 2.34 1.96
N GLU D 84 34.95 1.21 1.62
CA GLU D 84 35.69 0.14 0.91
C GLU D 84 35.29 0.09 -0.58
N GLY D 85 34.77 1.21 -1.10
CA GLY D 85 34.31 1.29 -2.50
C GLY D 85 33.37 0.19 -2.95
N GLY D 86 32.58 -0.38 -2.03
CA GLY D 86 31.76 -1.57 -2.30
C GLY D 86 30.47 -1.25 -3.04
N ARG D 87 29.63 -2.27 -3.25
CA ARG D 87 28.29 -2.11 -3.85
C ARG D 87 27.27 -3.03 -3.14
N LYS D 88 26.00 -2.92 -3.54
CA LYS D 88 24.90 -3.76 -2.98
C LYS D 88 25.01 -5.25 -3.42
N GLU D 89 25.59 -5.50 -4.60
CA GLU D 89 25.71 -6.87 -5.20
C GLU D 89 26.77 -7.83 -4.55
N ASN D 90 27.82 -7.25 -3.96
CA ASN D 90 28.94 -8.03 -3.39
C ASN D 90 29.05 -8.01 -1.85
N GLU D 91 28.47 -7.01 -1.16
CA GLU D 91 28.68 -6.81 0.29
C GLU D 91 27.43 -6.57 1.13
N PHE D 92 27.33 -7.22 2.31
CA PHE D 92 26.29 -6.87 3.30
C PHE D 92 26.77 -6.64 4.76
N PHE D 93 26.37 -5.49 5.31
CA PHE D 93 26.59 -5.17 6.71
C PHE D 93 25.30 -5.34 7.51
N PHE D 94 25.32 -6.30 8.44
CA PHE D 94 24.17 -6.57 9.31
C PHE D 94 24.04 -5.51 10.38
N PHE D 95 22.81 -5.29 10.80
CA PHE D 95 22.51 -4.43 11.94
C PHE D 95 22.67 -5.32 13.18
N ALA D 96 23.70 -5.09 13.98
CA ALA D 96 24.02 -5.98 15.13
C ALA D 96 23.49 -5.50 16.47
N GLY D 97 23.44 -4.21 16.69
CA GLY D 97 22.86 -3.70 17.94
C GLY D 97 22.69 -2.21 18.03
N ILE D 98 21.93 -1.77 19.04
CA ILE D 98 21.67 -0.38 19.31
C ILE D 98 22.01 -0.17 20.78
N ASP D 99 22.67 0.93 21.12
CA ASP D 99 23.28 1.02 22.44
C ASP D 99 22.71 2.04 23.38
N GLU D 100 22.68 3.30 23.00
CA GLU D 100 22.31 4.28 24.00
C GLU D 100 21.38 5.26 23.35
N ALA D 101 20.29 4.69 22.85
CA ALA D 101 19.36 5.42 22.04
C ALA D 101 18.41 6.21 22.92
N ARG D 102 18.38 7.52 22.70
CA ARG D 102 17.41 8.38 23.39
C ARG D 102 16.53 9.09 22.35
N PHE D 103 15.24 9.17 22.64
CA PHE D 103 14.28 9.85 21.77
C PHE D 103 13.88 11.15 22.42
N LYS D 104 14.37 12.26 21.88
CA LYS D 104 14.30 13.52 22.57
C LYS D 104 13.26 14.48 22.02
N ARG D 105 12.88 14.33 20.76
CA ARG D 105 11.94 15.26 20.12
C ARG D 105 10.99 14.52 19.16
N GLN D 106 9.70 14.85 19.21
CA GLN D 106 8.76 14.43 18.21
C GLN D 106 9.14 14.97 16.86
N VAL D 107 9.17 14.11 15.85
CA VAL D 107 9.46 14.50 14.47
C VAL D 107 8.16 14.40 13.68
N ILE D 108 7.87 15.42 12.84
CA ILE D 108 6.54 15.51 12.19
C ILE D 108 6.64 15.86 10.72
N PRO D 109 5.56 15.64 9.96
CA PRO D 109 5.61 15.96 8.53
C PRO D 109 6.05 17.40 8.34
N GLY D 110 6.93 17.64 7.37
CA GLY D 110 7.54 18.96 7.20
C GLY D 110 8.98 19.02 7.69
N ASP D 111 9.32 18.19 8.70
CA ASP D 111 10.69 18.11 9.18
C ASP D 111 11.59 17.42 8.22
N GLN D 112 12.79 17.99 8.08
CA GLN D 112 13.86 17.33 7.37
C GLN D 112 14.84 16.79 8.38
N LEU D 113 15.03 15.48 8.39
CA LEU D 113 15.95 14.87 9.31
C LEU D 113 17.33 14.95 8.70
N VAL D 114 18.26 15.49 9.48
CA VAL D 114 19.67 15.44 9.12
C VAL D 114 20.34 14.41 10.01
N PHE D 115 20.96 13.42 9.36
CA PHE D 115 21.70 12.39 10.07
C PHE D 115 23.19 12.61 9.96
N GLU D 116 23.86 12.64 11.11
CA GLU D 116 25.34 12.69 11.15
C GLU D 116 25.83 11.49 11.88
N VAL D 117 26.65 10.70 11.20
CA VAL D 117 27.17 9.49 11.81
C VAL D 117 28.70 9.48 11.79
N GLU D 118 29.28 8.77 12.75
CA GLU D 118 30.74 8.69 12.90
C GLU D 118 31.20 7.28 13.27
N LEU D 119 32.17 6.77 12.51
CA LEU D 119 32.77 5.47 12.83
C LEU D 119 33.67 5.63 14.08
N LEU D 120 33.34 4.94 15.16
CA LEU D 120 34.14 5.02 16.37
C LEU D 120 35.24 3.95 16.36
N THR D 121 34.85 2.67 16.49
CA THR D 121 35.79 1.56 16.58
C THR D 121 35.45 0.47 15.57
N SER D 122 36.47 -0.25 15.12
CA SER D 122 36.31 -1.29 14.15
C SER D 122 37.11 -2.53 14.60
N ARG D 123 36.65 -3.22 15.64
CA ARG D 123 37.25 -4.51 16.05
C ARG D 123 36.65 -5.74 15.33
N ARG D 124 37.37 -6.26 14.33
CA ARG D 124 37.04 -7.58 13.70
C ARG D 124 35.78 -7.61 12.86
N GLY D 125 35.71 -6.78 11.83
CA GLY D 125 34.49 -6.73 11.03
C GLY D 125 33.26 -6.10 11.73
N ILE D 126 33.32 -5.84 13.04
CA ILE D 126 32.22 -5.19 13.76
C ILE D 126 32.53 -3.71 13.95
N GLY D 127 31.64 -2.85 13.43
CA GLY D 127 31.80 -1.40 13.54
C GLY D 127 30.86 -0.80 14.57
N LYS D 128 31.40 0.04 15.45
CA LYS D 128 30.61 0.79 16.43
C LYS D 128 30.56 2.25 15.94
N PHE D 129 29.35 2.80 15.86
CA PHE D 129 29.14 4.14 15.31
C PHE D 129 28.42 4.99 16.31
N ASN D 130 28.72 6.28 16.29
CA ASN D 130 27.88 7.27 16.97
C ASN D 130 26.98 7.88 15.91
N ALA D 131 25.71 8.08 16.23
CA ALA D 131 24.75 8.61 15.27
C ALA D 131 23.80 9.55 15.95
N VAL D 132 23.54 10.66 15.29
CA VAL D 132 22.55 11.63 15.75
C VAL D 132 21.66 12.06 14.58
N ALA D 133 20.42 12.41 14.92
CA ALA D 133 19.45 12.85 13.96
C ALA D 133 18.90 14.16 14.46
N LYS D 134 19.11 15.20 13.65
CA LYS D 134 18.63 16.54 13.98
C LYS D 134 17.50 17.00 13.04
N VAL D 135 16.61 17.80 13.60
CA VAL D 135 15.67 18.61 12.84
C VAL D 135 15.93 20.06 13.22
N ASP D 136 16.23 20.89 12.22
CA ASP D 136 16.48 22.31 12.41
C ASP D 136 17.54 22.55 13.49
N GLY D 137 18.61 21.76 13.48
CA GLY D 137 19.69 21.90 14.47
C GLY D 137 19.48 21.20 15.80
N GLN D 138 18.25 20.98 16.22
CA GLN D 138 17.96 20.30 17.50
C GLN D 138 18.05 18.78 17.39
N VAL D 139 18.63 18.12 18.40
CA VAL D 139 18.70 16.65 18.41
C VAL D 139 17.33 16.06 18.64
N ALA D 140 16.96 15.10 17.79
CA ALA D 140 15.69 14.39 17.94
C ALA D 140 15.93 12.99 18.44
N VAL D 141 16.93 12.34 17.86
CA VAL D 141 17.31 11.02 18.30
C VAL D 141 18.83 10.94 18.27
N GLU D 142 19.39 10.29 19.28
CA GLU D 142 20.82 9.94 19.28
C GLU D 142 20.96 8.50 19.69
N ALA D 143 22.02 7.85 19.20
CA ALA D 143 22.24 6.45 19.49
C ALA D 143 23.62 5.99 19.06
N ILE D 144 24.05 4.87 19.66
CA ILE D 144 25.23 4.14 19.19
C ILE D 144 24.72 2.96 18.37
N ILE D 145 25.30 2.76 17.19
CA ILE D 145 24.83 1.74 16.25
C ILE D 145 25.95 0.77 15.97
N MET D 146 25.70 -0.53 16.12
CA MET D 146 26.69 -1.57 15.71
C MET D 146 26.28 -2.24 14.43
N CYS D 147 27.21 -2.31 13.49
CA CYS D 147 27.06 -3.07 12.25
C CYS D 147 28.14 -4.12 12.14
N ALA D 148 27.80 -5.25 11.49
CA ALA D 148 28.73 -6.37 11.37
C ALA D 148 28.81 -6.78 9.91
N LYS D 149 30.03 -7.01 9.41
CA LYS D 149 30.24 -7.34 8.00
C LYS D 149 29.78 -8.75 7.65
N VAL E 6 14.25 -32.93 -2.45
CA VAL E 6 14.10 -31.47 -2.11
C VAL E 6 14.28 -31.25 -0.60
N GLN E 7 14.84 -30.11 -0.23
CA GLN E 7 15.20 -29.85 1.18
C GLN E 7 14.09 -29.10 1.95
N LEU E 8 13.60 -29.70 3.03
CA LEU E 8 12.51 -29.11 3.82
C LEU E 8 13.05 -28.49 5.10
N PRO E 9 12.42 -27.39 5.60
CA PRO E 9 11.28 -26.67 5.04
C PRO E 9 11.68 -25.84 3.83
N ILE E 10 10.76 -25.61 2.92
CA ILE E 10 11.01 -24.66 1.83
C ILE E 10 10.57 -23.28 2.32
N GLU E 11 11.52 -22.34 2.42
CA GLU E 11 11.22 -21.02 2.92
C GLU E 11 10.58 -20.18 1.83
N ALA E 12 9.86 -19.14 2.26
CA ALA E 12 9.22 -18.19 1.34
C ALA E 12 10.14 -17.78 0.21
N LYS E 13 11.37 -17.40 0.53
CA LYS E 13 12.33 -17.00 -0.53
C LYS E 13 12.47 -18.03 -1.64
N ASP E 14 12.26 -19.30 -1.30
CA ASP E 14 12.34 -20.38 -2.28
C ASP E 14 11.00 -20.81 -2.89
N ILE E 15 9.90 -20.65 -2.13
CA ILE E 15 8.58 -20.73 -2.72
C ILE E 15 8.44 -19.79 -3.92
N GLN E 16 9.11 -18.63 -3.88
CA GLN E 16 9.09 -17.65 -4.97
C GLN E 16 9.85 -18.09 -6.23
N LYS E 17 10.77 -19.03 -6.06
CA LYS E 17 11.44 -19.63 -7.20
C LYS E 17 10.54 -20.64 -7.90
N LEU E 18 9.55 -21.16 -7.16
CA LEU E 18 8.59 -22.15 -7.67
C LEU E 18 7.32 -21.59 -8.32
N ILE E 19 6.74 -20.54 -7.71
CA ILE E 19 5.50 -19.91 -8.27
C ILE E 19 5.66 -18.39 -8.47
N PRO E 20 4.96 -17.82 -9.45
CA PRO E 20 5.19 -16.42 -9.78
C PRO E 20 4.56 -15.39 -8.82
N HIS E 21 3.69 -15.87 -7.92
CA HIS E 21 2.90 -15.00 -7.05
C HIS E 21 3.81 -14.16 -6.18
N ARG E 22 3.49 -12.88 -6.05
CA ARG E 22 4.23 -11.98 -5.18
C ARG E 22 3.27 -11.14 -4.35
N TYR E 23 3.82 -10.34 -3.45
CA TYR E 23 3.04 -9.46 -2.59
C TYR E 23 2.05 -8.63 -3.43
N PRO E 24 0.77 -8.55 -3.01
CA PRO E 24 0.13 -9.11 -1.82
C PRO E 24 -0.63 -10.39 -2.09
N PHE E 25 -0.22 -11.15 -3.09
CA PHE E 25 -0.94 -12.36 -3.48
C PHE E 25 -0.16 -13.67 -3.36
N LEU E 26 0.92 -13.63 -2.59
CA LEU E 26 1.60 -14.83 -2.15
C LEU E 26 1.08 -15.15 -0.77
N GLN E 27 0.34 -16.27 -0.66
CA GLN E 27 -0.37 -16.60 0.57
C GLN E 27 0.15 -17.90 1.23
N LEU E 28 1.41 -18.24 0.96
CA LEU E 28 2.11 -19.26 1.70
C LEU E 28 3.39 -18.64 2.26
N ASP E 29 3.69 -18.96 3.51
CA ASP E 29 4.95 -18.54 4.12
C ASP E 29 6.04 -19.61 4.06
N ARG E 30 5.65 -20.88 4.13
CA ARG E 30 6.64 -21.97 4.28
C ARG E 30 6.03 -23.33 3.93
N ILE E 31 6.75 -24.13 3.17
CA ILE E 31 6.37 -25.55 2.91
C ILE E 31 7.05 -26.42 3.96
N THR E 32 6.27 -27.19 4.71
CA THR E 32 6.85 -28.00 5.81
C THR E 32 6.87 -29.52 5.56
N ALA E 33 6.02 -30.02 4.65
CA ALA E 33 5.94 -31.45 4.37
C ALA E 33 5.67 -31.66 2.90
N PHE E 34 6.15 -32.77 2.35
CA PHE E 34 5.96 -33.06 0.95
C PHE E 34 6.19 -34.55 0.62
N GLU E 35 5.16 -35.19 0.07
CA GLU E 35 5.26 -36.53 -0.55
C GLU E 35 4.98 -36.43 -2.04
N PRO E 36 6.00 -36.63 -2.89
CA PRO E 36 5.80 -36.51 -4.36
C PRO E 36 4.53 -37.18 -4.87
N MET E 37 3.82 -36.46 -5.73
CA MET E 37 2.56 -36.92 -6.34
C MET E 37 1.43 -37.26 -5.35
N LYS E 38 1.59 -36.91 -4.06
CA LYS E 38 0.63 -37.31 -3.01
C LYS E 38 0.16 -36.15 -2.09
N THR E 39 1.03 -35.66 -1.21
CA THR E 39 0.64 -34.69 -0.20
C THR E 39 1.64 -33.56 0.01
N LEU E 40 1.17 -32.48 0.63
CA LEU E 40 2.01 -31.34 1.01
C LEU E 40 1.41 -30.62 2.21
N THR E 41 2.27 -30.17 3.12
CA THR E 41 1.86 -29.27 4.20
C THR E 41 2.59 -27.93 4.02
N ALA E 42 1.82 -26.86 4.20
CA ALA E 42 2.35 -25.51 4.14
C ALA E 42 1.73 -24.69 5.27
N ILE E 43 2.42 -23.63 5.68
CA ILE E 43 1.82 -22.69 6.62
C ILE E 43 1.72 -21.26 6.07
N LYS E 44 0.81 -20.52 6.68
CA LYS E 44 0.64 -19.11 6.42
C LYS E 44 0.32 -18.48 7.76
N ASN E 45 1.19 -17.57 8.19
CA ASN E 45 0.98 -16.84 9.42
C ASN E 45 0.01 -15.67 9.20
N VAL E 46 -0.98 -15.52 10.07
CA VAL E 46 -1.94 -14.45 9.94
C VAL E 46 -1.58 -13.38 10.95
N SER E 47 -1.33 -12.17 10.42
CA SER E 47 -0.89 -11.06 11.22
C SER E 47 -1.77 -9.86 10.95
N ILE E 48 -1.93 -9.00 11.95
CA ILE E 48 -2.69 -7.77 11.81
C ILE E 48 -1.95 -6.83 10.84
N ASN E 49 -0.64 -7.04 10.66
CA ASN E 49 0.14 -6.25 9.72
C ASN E 49 0.07 -6.72 8.29
N GLU E 50 -1.12 -7.07 7.83
CA GLU E 50 -1.30 -7.51 6.43
C GLU E 50 -2.26 -6.58 5.70
N PRO E 51 -2.05 -6.36 4.41
CA PRO E 51 -2.81 -5.32 3.74
C PRO E 51 -4.32 -5.49 3.79
N GLN E 52 -4.81 -6.73 3.80
CA GLN E 52 -6.26 -6.97 3.74
C GLN E 52 -6.96 -6.44 4.97
N PHE E 53 -6.24 -6.32 6.07
CA PHE E 53 -6.90 -5.94 7.32
C PHE E 53 -7.18 -4.47 7.44
N GLN E 54 -6.81 -3.66 6.47
CA GLN E 54 -7.30 -2.29 6.42
C GLN E 54 -8.80 -2.25 6.14
N GLY E 55 -9.25 -3.22 5.34
CA GLY E 55 -10.61 -3.21 4.80
C GLY E 55 -11.49 -4.37 5.18
N HIS E 56 -10.94 -5.32 5.93
CA HIS E 56 -11.64 -6.55 6.20
C HIS E 56 -11.41 -7.06 7.62
N PHE E 57 -12.02 -6.42 8.63
CA PHE E 57 -12.88 -5.24 8.49
C PHE E 57 -12.34 -4.11 9.35
N PRO E 58 -12.68 -2.86 9.03
CA PRO E 58 -12.04 -1.76 9.67
C PRO E 58 -11.75 -1.88 11.15
N ASP E 59 -12.67 -2.25 12.01
CA ASP E 59 -12.18 -2.41 13.40
C ASP E 59 -12.10 -3.87 13.88
N LEU E 60 -12.42 -4.78 12.96
CA LEU E 60 -12.57 -6.19 13.28
C LEU E 60 -11.79 -7.05 12.30
N PRO E 61 -10.52 -7.34 12.62
CA PRO E 61 -9.73 -8.09 11.64
C PRO E 61 -10.21 -9.51 11.52
N VAL E 62 -10.57 -9.91 10.31
CA VAL E 62 -11.02 -11.26 10.01
C VAL E 62 -10.38 -11.69 8.68
N MET E 63 -9.61 -12.76 8.71
CA MET E 63 -8.94 -13.25 7.52
C MET E 63 -9.99 -13.65 6.49
N PRO E 64 -9.95 -13.04 5.30
CA PRO E 64 -10.96 -13.42 4.31
C PRO E 64 -10.86 -14.88 3.89
N GLY E 65 -11.99 -15.58 3.89
CA GLY E 65 -12.04 -16.94 3.45
C GLY E 65 -11.39 -17.12 2.10
N VAL E 66 -11.65 -16.21 1.17
CA VAL E 66 -11.14 -16.39 -0.19
C VAL E 66 -9.63 -16.41 -0.23
N LEU E 67 -8.97 -15.76 0.73
CA LEU E 67 -7.51 -15.77 0.74
C LEU E 67 -7.02 -17.07 1.30
N ILE E 68 -7.79 -17.63 2.24
CA ILE E 68 -7.50 -18.99 2.69
C ILE E 68 -7.66 -19.95 1.50
N ILE E 69 -8.75 -19.81 0.74
CA ILE E 69 -8.91 -20.59 -0.49
C ILE E 69 -7.72 -20.45 -1.44
N GLU E 70 -7.24 -19.23 -1.62
CA GLU E 70 -6.14 -18.95 -2.54
C GLU E 70 -4.86 -19.65 -2.07
N ALA E 71 -4.63 -19.63 -0.78
CA ALA E 71 -3.48 -20.32 -0.18
C ALA E 71 -3.56 -21.84 -0.44
N MET E 72 -4.74 -22.40 -0.16
CA MET E 72 -5.03 -23.80 -0.47
C MET E 72 -4.66 -24.11 -1.92
N ALA E 73 -5.17 -23.30 -2.85
CA ALA E 73 -4.84 -23.49 -4.28
C ALA E 73 -3.36 -23.38 -4.57
N GLN E 74 -2.69 -22.43 -3.93
CA GLN E 74 -1.23 -22.27 -4.10
C GLN E 74 -0.47 -23.48 -3.57
N ALA E 75 -0.96 -24.04 -2.47
CA ALA E 75 -0.32 -25.24 -1.90
C ALA E 75 -0.47 -26.42 -2.86
N CYS E 76 -1.70 -26.64 -3.35
CA CYS E 76 -1.96 -27.65 -4.38
C CYS E 76 -1.01 -27.45 -5.56
N GLY E 77 -0.98 -26.25 -6.11
CA GLY E 77 -0.10 -25.94 -7.24
C GLY E 77 1.36 -26.22 -6.96
N THR E 78 1.84 -25.97 -5.75
CA THR E 78 3.28 -26.20 -5.48
C THR E 78 3.57 -27.70 -5.31
N LEU E 79 2.66 -28.42 -4.65
CA LEU E 79 2.69 -29.88 -4.66
C LEU E 79 2.86 -30.40 -6.09
N ALA E 80 2.07 -29.90 -7.02
CA ALA E 80 2.16 -30.32 -8.42
C ALA E 80 3.52 -29.99 -9.01
N ILE E 81 3.95 -28.75 -8.83
CA ILE E 81 5.21 -28.27 -9.41
C ILE E 81 6.39 -29.07 -8.88
N LEU E 82 6.44 -29.25 -7.56
CA LEU E 82 7.53 -29.98 -6.93
C LEU E 82 7.56 -31.42 -7.42
N SER E 83 6.38 -32.00 -7.65
CA SER E 83 6.27 -33.38 -8.12
C SER E 83 6.86 -33.64 -9.52
N GLU E 84 6.87 -32.65 -10.42
CA GLU E 84 7.55 -32.82 -11.71
C GLU E 84 8.85 -32.05 -11.75
N GLY E 85 9.41 -31.76 -10.57
CA GLY E 85 10.66 -30.98 -10.43
C GLY E 85 10.74 -29.67 -11.20
N GLY E 86 9.58 -29.03 -11.41
CA GLY E 86 9.47 -27.87 -12.30
C GLY E 86 9.93 -26.57 -11.64
N ARG E 87 9.77 -25.45 -12.35
CA ARG E 87 10.02 -24.10 -11.77
C ARG E 87 8.93 -23.11 -12.24
N LYS E 88 9.02 -21.86 -11.75
CA LYS E 88 8.08 -20.77 -12.10
C LYS E 88 8.20 -20.30 -13.58
N GLU E 89 9.40 -20.42 -14.15
CA GLU E 89 9.75 -19.90 -15.51
C GLU E 89 9.33 -20.74 -16.76
N ASN E 90 9.00 -22.02 -16.59
CA ASN E 90 8.75 -22.90 -17.75
C ASN E 90 7.32 -23.37 -18.01
N GLU E 91 6.34 -23.06 -17.13
CA GLU E 91 4.89 -23.47 -17.37
C GLU E 91 3.98 -23.15 -16.15
N PHE E 92 2.66 -23.32 -16.31
CA PHE E 92 1.69 -22.80 -15.33
C PHE E 92 0.47 -23.72 -15.04
N PHE E 93 0.15 -23.87 -13.74
CA PHE E 93 -1.06 -24.58 -13.32
C PHE E 93 -2.17 -23.57 -13.00
N PHE E 94 -3.20 -23.56 -13.85
CA PHE E 94 -4.34 -22.68 -13.69
C PHE E 94 -5.24 -23.16 -12.56
N PHE E 95 -5.91 -22.21 -11.92
CA PHE E 95 -6.90 -22.51 -10.90
C PHE E 95 -8.22 -22.71 -11.66
N ALA E 96 -8.73 -23.94 -11.70
CA ALA E 96 -9.85 -24.26 -12.59
C ALA E 96 -11.18 -24.26 -11.89
N GLY E 97 -11.21 -24.67 -10.63
CA GLY E 97 -12.48 -24.65 -9.89
C GLY E 97 -12.34 -24.99 -8.44
N ILE E 98 -13.41 -24.72 -7.71
CA ILE E 98 -13.49 -24.97 -6.28
C ILE E 98 -14.78 -25.73 -6.14
N ASP E 99 -14.82 -26.74 -5.27
CA ASP E 99 -15.98 -27.61 -5.27
C ASP E 99 -16.83 -27.70 -4.04
N GLU E 100 -16.24 -27.92 -2.88
CA GLU E 100 -17.13 -28.16 -1.75
C GLU E 100 -16.55 -27.44 -0.57
N ALA E 101 -16.40 -26.14 -0.78
CA ALA E 101 -15.70 -25.29 0.14
C ALA E 101 -16.61 -24.89 1.28
N ARG E 102 -16.19 -25.18 2.49
CA ARG E 102 -16.93 -24.74 3.66
C ARG E 102 -16.03 -23.89 4.55
N PHE E 103 -16.60 -22.80 5.05
CA PHE E 103 -15.92 -21.92 5.99
C PHE E 103 -16.47 -22.18 7.39
N LYS E 104 -15.66 -22.80 8.23
CA LYS E 104 -16.14 -23.30 9.52
C LYS E 104 -15.71 -22.51 10.73
N ARG E 105 -14.62 -21.75 10.61
CA ARG E 105 -14.09 -21.01 11.76
C ARG E 105 -13.55 -19.66 11.33
N GLN E 106 -13.84 -18.62 12.10
CA GLN E 106 -13.16 -17.34 11.94
C GLN E 106 -11.68 -17.48 12.22
N VAL E 107 -10.86 -16.99 11.30
CA VAL E 107 -9.41 -16.97 11.46
C VAL E 107 -8.99 -15.53 11.74
N ILE E 108 -8.09 -15.34 12.71
CA ILE E 108 -7.77 -14.00 13.19
C ILE E 108 -6.26 -13.78 13.39
N PRO E 109 -5.82 -12.51 13.44
CA PRO E 109 -4.40 -12.25 13.66
C PRO E 109 -3.88 -13.03 14.87
N GLY E 110 -2.71 -13.64 14.72
CA GLY E 110 -2.15 -14.50 15.73
C GLY E 110 -2.28 -15.97 15.34
N ASP E 111 -3.32 -16.33 14.59
CA ASP E 111 -3.47 -17.69 14.08
C ASP E 111 -2.44 -18.06 13.05
N GLN E 112 -1.92 -19.27 13.16
CA GLN E 112 -1.09 -19.86 12.14
C GLN E 112 -1.94 -20.87 11.37
N LEU E 113 -2.10 -20.66 10.07
CA LEU E 113 -2.87 -21.57 9.25
C LEU E 113 -1.96 -22.67 8.83
N VAL E 114 -2.40 -23.91 9.10
CA VAL E 114 -1.70 -25.09 8.56
C VAL E 114 -2.53 -25.70 7.43
N PHE E 115 -1.92 -25.77 6.26
CA PHE E 115 -2.59 -26.30 5.06
C PHE E 115 -2.09 -27.69 4.74
N GLU E 116 -3.01 -28.64 4.64
CA GLU E 116 -2.71 -30.02 4.26
C GLU E 116 -3.48 -30.30 3.02
N VAL E 117 -2.77 -30.61 1.94
CA VAL E 117 -3.43 -30.87 0.67
C VAL E 117 -3.04 -32.26 0.14
N GLU E 118 -3.94 -32.83 -0.67
CA GLU E 118 -3.77 -34.18 -1.19
C GLU E 118 -4.24 -34.29 -2.64
N LEU E 119 -3.37 -34.81 -3.49
CA LEU E 119 -3.73 -35.08 -4.89
C LEU E 119 -4.70 -36.28 -4.93
N LEU E 120 -5.92 -36.08 -5.41
CA LEU E 120 -6.89 -37.18 -5.49
C LEU E 120 -6.79 -37.87 -6.86
N THR E 121 -7.11 -37.15 -7.94
CA THR E 121 -7.07 -37.72 -9.29
C THR E 121 -6.39 -36.79 -10.27
N SER E 122 -5.85 -37.34 -11.35
CA SER E 122 -5.17 -36.54 -12.36
C SER E 122 -5.69 -36.87 -13.77
N ARG E 123 -7.00 -36.77 -13.95
CA ARG E 123 -7.63 -37.13 -15.21
C ARG E 123 -7.52 -36.02 -16.27
N ARG E 124 -6.58 -36.18 -17.20
CA ARG E 124 -6.52 -35.36 -18.43
C ARG E 124 -5.80 -33.99 -18.27
N GLY E 125 -4.67 -33.93 -17.55
CA GLY E 125 -4.06 -32.63 -17.16
C GLY E 125 -4.80 -31.82 -16.10
N ILE E 126 -5.96 -32.31 -15.64
CA ILE E 126 -6.74 -31.64 -14.58
C ILE E 126 -6.58 -32.40 -13.27
N GLY E 127 -6.03 -31.72 -12.26
CA GLY E 127 -5.76 -32.33 -10.96
C GLY E 127 -6.84 -31.95 -9.98
N LYS E 128 -7.39 -32.94 -9.30
CA LYS E 128 -8.40 -32.72 -8.29
C LYS E 128 -7.73 -32.96 -6.95
N PHE E 129 -7.86 -31.99 -6.05
CA PHE E 129 -7.18 -32.06 -4.76
C PHE E 129 -8.19 -31.93 -3.66
N ASN E 130 -7.90 -32.55 -2.53
CA ASN E 130 -8.60 -32.24 -1.29
C ASN E 130 -7.68 -31.31 -0.51
N ALA E 131 -8.26 -30.31 0.14
CA ALA E 131 -7.46 -29.34 0.89
C ALA E 131 -8.19 -28.95 2.14
N VAL E 132 -7.44 -28.89 3.23
CA VAL E 132 -7.96 -28.42 4.49
C VAL E 132 -7.00 -27.38 5.09
N ALA E 133 -7.56 -26.44 5.84
CA ALA E 133 -6.78 -25.44 6.54
C ALA E 133 -7.16 -25.45 7.99
N LYS E 134 -6.18 -25.70 8.85
CA LYS E 134 -6.41 -25.77 10.28
C LYS E 134 -5.71 -24.64 11.02
N VAL E 135 -6.32 -24.26 12.13
CA VAL E 135 -5.70 -23.42 13.14
C VAL E 135 -5.78 -24.22 14.44
N ASP E 136 -4.63 -24.46 15.07
CA ASP E 136 -4.57 -25.20 16.35
C ASP E 136 -5.31 -26.53 16.27
N GLY E 137 -5.16 -27.25 15.16
CA GLY E 137 -5.79 -28.55 15.02
C GLY E 137 -7.23 -28.55 14.55
N GLN E 138 -7.98 -27.47 14.80
CA GLN E 138 -9.36 -27.34 14.31
C GLN E 138 -9.43 -26.95 12.84
N VAL E 139 -10.35 -27.54 12.10
CA VAL E 139 -10.59 -27.14 10.72
C VAL E 139 -11.22 -25.74 10.66
N ALA E 140 -10.66 -24.88 9.81
CA ALA E 140 -11.23 -23.55 9.56
C ALA E 140 -11.87 -23.51 8.20
N VAL E 141 -11.18 -24.06 7.21
CA VAL E 141 -11.72 -24.12 5.85
C VAL E 141 -11.35 -25.49 5.27
N GLU E 142 -12.29 -26.07 4.52
CA GLU E 142 -12.01 -27.25 3.72
C GLU E 142 -12.61 -27.04 2.35
N ALA E 143 -12.00 -27.67 1.35
CA ALA E 143 -12.46 -27.54 -0.01
C ALA E 143 -11.80 -28.56 -0.94
N ILE E 144 -12.46 -28.79 -2.08
CA ILE E 144 -11.85 -29.50 -3.20
C ILE E 144 -11.33 -28.45 -4.16
N ILE E 145 -10.09 -28.61 -4.62
CA ILE E 145 -9.47 -27.63 -5.48
C ILE E 145 -9.09 -28.30 -6.80
N MET E 146 -9.50 -27.70 -7.93
CA MET E 146 -9.05 -28.18 -9.24
C MET E 146 -8.02 -27.26 -9.83
N CYS E 147 -6.91 -27.83 -10.29
CA CYS E 147 -5.89 -27.13 -11.07
C CYS E 147 -5.76 -27.78 -12.44
N ALA E 148 -5.43 -27.00 -13.45
CA ALA E 148 -5.28 -27.47 -14.81
C ALA E 148 -3.90 -27.06 -15.33
N LYS E 149 -3.20 -27.96 -15.99
CA LYS E 149 -1.81 -27.69 -16.43
C LYS E 149 -1.69 -26.65 -17.56
N VAL F 6 -35.66 1.46 -3.44
CA VAL F 6 -34.20 1.83 -3.44
C VAL F 6 -33.80 2.44 -4.78
N GLN F 7 -32.89 3.40 -4.75
CA GLN F 7 -32.54 4.17 -5.96
C GLN F 7 -31.36 3.56 -6.74
N LEU F 8 -31.57 3.22 -8.00
CA LEU F 8 -30.52 2.61 -8.83
C LEU F 8 -29.95 3.62 -9.81
N PRO F 9 -28.64 3.52 -10.13
CA PRO F 9 -27.65 2.58 -9.61
C PRO F 9 -27.21 2.91 -8.19
N ILE F 10 -26.84 1.91 -7.40
CA ILE F 10 -26.26 2.19 -6.08
C ILE F 10 -24.75 2.36 -6.27
N GLU F 11 -24.26 3.54 -5.97
CA GLU F 11 -22.85 3.83 -6.17
C GLU F 11 -22.01 3.27 -5.03
N ALA F 12 -20.72 3.09 -5.30
CA ALA F 12 -19.78 2.58 -4.30
C ALA F 12 -19.94 3.28 -2.95
N LYS F 13 -20.00 4.61 -2.96
CA LYS F 13 -20.19 5.33 -1.70
C LYS F 13 -21.37 4.82 -0.88
N ASP F 14 -22.39 4.29 -1.54
CA ASP F 14 -23.58 3.79 -0.85
C ASP F 14 -23.57 2.30 -0.58
N ILE F 15 -22.91 1.53 -1.46
CA ILE F 15 -22.58 0.14 -1.15
C ILE F 15 -21.88 0.05 0.20
N GLN F 16 -21.10 1.06 0.55
CA GLN F 16 -20.38 1.11 1.84
C GLN F 16 -21.26 1.37 3.05
N LYS F 17 -22.44 1.90 2.80
CA LYS F 17 -23.42 2.06 3.86
C LYS F 17 -24.17 0.75 4.11
N LEU F 18 -24.15 -0.14 3.12
CA LEU F 18 -24.76 -1.47 3.23
C LEU F 18 -23.86 -2.58 3.79
N ILE F 19 -22.59 -2.62 3.39
CA ILE F 19 -21.66 -3.68 3.86
C ILE F 19 -20.38 -3.09 4.48
N PRO F 20 -19.76 -3.80 5.44
CA PRO F 20 -18.61 -3.20 6.15
C PRO F 20 -17.27 -3.20 5.36
N HIS F 21 -17.23 -3.89 4.22
CA HIS F 21 -15.98 -4.11 3.49
C HIS F 21 -15.41 -2.78 3.01
N ARG F 22 -14.09 -2.62 3.16
CA ARG F 22 -13.39 -1.45 2.68
C ARG F 22 -12.12 -1.85 1.93
N TYR F 23 -11.44 -0.87 1.35
CA TYR F 23 -10.20 -1.09 0.62
C TYR F 23 -9.21 -1.92 1.44
N PRO F 24 -8.60 -2.96 0.85
CA PRO F 24 -8.65 -3.45 -0.50
C PRO F 24 -9.58 -4.62 -0.71
N PHE F 25 -10.63 -4.71 0.10
CA PHE F 25 -11.50 -5.89 0.04
C PHE F 25 -12.97 -5.60 -0.29
N LEU F 26 -13.21 -4.40 -0.80
CA LEU F 26 -14.49 -4.07 -1.39
C LEU F 26 -14.36 -4.32 -2.87
N GLN F 27 -15.09 -5.32 -3.40
CA GLN F 27 -14.90 -5.79 -4.77
C GLN F 27 -16.14 -5.59 -5.62
N LEU F 28 -16.96 -4.62 -5.23
CA LEU F 28 -18.06 -4.15 -6.08
C LEU F 28 -17.92 -2.65 -6.26
N ASP F 29 -18.10 -2.18 -7.49
CA ASP F 29 -18.07 -0.75 -7.76
C ASP F 29 -19.46 -0.11 -7.81
N ARG F 30 -20.47 -0.86 -8.24
CA ARG F 30 -21.79 -0.29 -8.49
C ARG F 30 -22.86 -1.37 -8.62
N ILE F 31 -23.99 -1.20 -7.94
CA ILE F 31 -25.15 -2.06 -8.10
C ILE F 31 -26.04 -1.47 -9.19
N THR F 32 -26.34 -2.23 -10.23
CA THR F 32 -27.08 -1.72 -11.38
C THR F 32 -28.52 -2.28 -11.53
N ALA F 33 -28.81 -3.43 -10.92
CA ALA F 33 -30.14 -4.06 -11.01
C ALA F 33 -30.47 -4.75 -9.72
N PHE F 34 -31.75 -4.83 -9.40
CA PHE F 34 -32.18 -5.43 -8.15
C PHE F 34 -33.65 -5.78 -8.16
N GLU F 35 -33.94 -7.07 -7.96
CA GLU F 35 -35.30 -7.56 -7.70
C GLU F 35 -35.35 -8.16 -6.30
N PRO F 36 -36.08 -7.51 -5.36
CA PRO F 36 -36.14 -8.01 -3.99
C PRO F 36 -36.35 -9.51 -3.89
N MET F 37 -35.55 -10.14 -3.02
CA MET F 37 -35.61 -11.59 -2.75
C MET F 37 -35.31 -12.50 -3.97
N LYS F 38 -34.82 -11.92 -5.06
CA LYS F 38 -34.68 -12.65 -6.32
C LYS F 38 -33.31 -12.48 -6.99
N THR F 39 -33.07 -11.31 -7.58
CA THR F 39 -31.82 -11.09 -8.37
C THR F 39 -31.15 -9.76 -8.09
N LEU F 40 -29.88 -9.69 -8.48
CA LEU F 40 -29.11 -8.44 -8.44
C LEU F 40 -28.05 -8.45 -9.52
N THR F 41 -27.82 -7.29 -10.13
CA THR F 41 -26.66 -7.10 -11.01
C THR F 41 -25.72 -6.02 -10.41
N ALA F 42 -24.42 -6.31 -10.45
CA ALA F 42 -23.41 -5.39 -9.97
C ALA F 42 -22.26 -5.41 -10.92
N ILE F 43 -21.47 -4.34 -10.93
CA ILE F 43 -20.23 -4.33 -11.68
C ILE F 43 -18.98 -4.08 -10.83
N LYS F 44 -17.86 -4.51 -11.36
CA LYS F 44 -16.54 -4.25 -10.80
C LYS F 44 -15.61 -4.00 -11.96
N ASN F 45 -15.06 -2.79 -12.00
CA ASN F 45 -14.10 -2.44 -13.03
C ASN F 45 -12.70 -2.99 -12.71
N VAL F 46 -12.04 -3.61 -13.67
CA VAL F 46 -10.72 -4.16 -13.43
C VAL F 46 -9.71 -3.23 -14.04
N SER F 47 -8.80 -2.75 -13.20
CA SER F 47 -7.80 -1.78 -13.59
C SER F 47 -6.42 -2.28 -13.17
N ILE F 48 -5.42 -1.91 -13.96
CA ILE F 48 -4.02 -2.21 -13.63
C ILE F 48 -3.63 -1.48 -12.32
N ASN F 49 -4.33 -0.40 -11.98
CA ASN F 49 -4.04 0.35 -10.75
C ASN F 49 -4.71 -0.21 -9.51
N GLU F 50 -4.70 -1.54 -9.38
CA GLU F 50 -5.28 -2.17 -8.20
C GLU F 50 -4.20 -2.93 -7.43
N PRO F 51 -4.29 -2.97 -6.09
CA PRO F 51 -3.17 -3.49 -5.32
C PRO F 51 -2.77 -4.93 -5.63
N GLN F 52 -3.71 -5.77 -6.04
CA GLN F 52 -3.39 -7.18 -6.33
C GLN F 52 -2.42 -7.34 -7.49
N PHE F 53 -2.39 -6.37 -8.39
CA PHE F 53 -1.57 -6.52 -9.57
C PHE F 53 -0.10 -6.27 -9.37
N GLN F 54 0.32 -5.88 -8.18
CA GLN F 54 1.77 -5.90 -7.89
C GLN F 54 2.33 -7.31 -7.86
N GLY F 55 1.50 -8.26 -7.43
CA GLY F 55 1.95 -9.61 -7.17
C GLY F 55 1.27 -10.70 -7.98
N HIS F 56 0.30 -10.32 -8.80
CA HIS F 56 -0.51 -11.32 -9.47
C HIS F 56 -0.79 -10.94 -10.91
N PHE F 57 0.20 -10.99 -11.81
CA PHE F 57 1.58 -11.39 -11.51
C PHE F 57 2.51 -10.30 -11.97
N PRO F 58 3.71 -10.23 -11.40
CA PRO F 58 4.59 -9.13 -11.66
C PRO F 58 4.59 -8.54 -13.07
N ASP F 59 4.71 -9.30 -14.15
CA ASP F 59 4.63 -8.56 -15.44
C ASP F 59 3.37 -8.89 -16.24
N LEU F 60 2.52 -9.72 -15.65
CA LEU F 60 1.36 -10.27 -16.32
C LEU F 60 0.10 -10.10 -15.45
N PRO F 61 -0.60 -8.96 -15.61
CA PRO F 61 -1.72 -8.72 -14.72
C PRO F 61 -2.86 -9.66 -15.03
N VAL F 62 -3.28 -10.42 -14.03
CA VAL F 62 -4.37 -11.35 -14.17
C VAL F 62 -5.23 -11.25 -12.90
N MET F 63 -6.49 -10.90 -13.07
CA MET F 63 -7.39 -10.76 -11.96
C MET F 63 -7.54 -12.11 -11.25
N PRO F 64 -7.20 -12.16 -9.95
CA PRO F 64 -7.35 -13.43 -9.28
C PRO F 64 -8.79 -13.93 -9.24
N GLY F 65 -8.97 -15.18 -9.60
CA GLY F 65 -10.27 -15.80 -9.49
C GLY F 65 -10.91 -15.62 -8.14
N VAL F 66 -10.14 -15.78 -7.07
CA VAL F 66 -10.74 -15.72 -5.71
C VAL F 66 -11.34 -14.35 -5.40
N LEU F 67 -10.82 -13.29 -6.03
CA LEU F 67 -11.41 -11.96 -5.85
C LEU F 67 -12.69 -11.84 -6.63
N ILE F 68 -12.74 -12.48 -7.80
CA ILE F 68 -14.01 -12.55 -8.54
C ILE F 68 -15.01 -13.30 -7.67
N ILE F 69 -14.60 -14.42 -7.08
CA ILE F 69 -15.46 -15.14 -6.15
C ILE F 69 -15.96 -14.22 -5.02
N GLU F 70 -15.05 -13.44 -4.46
CA GLU F 70 -15.39 -12.56 -3.34
C GLU F 70 -16.41 -11.49 -3.72
N ALA F 71 -16.25 -10.96 -4.94
CA ALA F 71 -17.22 -10.04 -5.50
C ALA F 71 -18.60 -10.68 -5.63
N MET F 72 -18.62 -11.90 -6.20
CA MET F 72 -19.85 -12.70 -6.31
C MET F 72 -20.51 -12.81 -4.95
N ALA F 73 -19.74 -13.20 -3.94
CA ALA F 73 -20.28 -13.30 -2.56
C ALA F 73 -20.79 -11.99 -2.01
N GLN F 74 -20.07 -10.91 -2.27
CA GLN F 74 -20.52 -9.58 -1.83
C GLN F 74 -21.82 -9.16 -2.53
N ALA F 75 -21.96 -9.53 -3.80
CA ALA F 75 -23.18 -9.22 -4.55
C ALA F 75 -24.35 -10.00 -3.94
N CYS F 76 -24.16 -11.30 -3.71
CA CYS F 76 -25.15 -12.10 -3.02
C CYS F 76 -25.55 -11.44 -1.69
N GLY F 77 -24.57 -11.15 -0.85
CA GLY F 77 -24.81 -10.55 0.44
C GLY F 77 -25.58 -9.24 0.36
N THR F 78 -25.33 -8.43 -0.67
CA THR F 78 -26.02 -7.14 -0.76
C THR F 78 -27.46 -7.34 -1.22
N LEU F 79 -27.67 -8.25 -2.19
CA LEU F 79 -29.00 -8.73 -2.54
C LEU F 79 -29.81 -9.10 -1.28
N ALA F 80 -29.20 -9.89 -0.40
CA ALA F 80 -29.86 -10.27 0.84
C ALA F 80 -30.19 -9.04 1.68
N ILE F 81 -29.19 -8.21 1.91
CA ILE F 81 -29.34 -7.06 2.80
C ILE F 81 -30.42 -6.14 2.28
N LEU F 82 -30.40 -5.86 0.99
CA LEU F 82 -31.35 -4.94 0.38
C LEU F 82 -32.75 -5.50 0.49
N SER F 83 -32.86 -6.81 0.38
CA SER F 83 -34.15 -7.49 0.48
C SER F 83 -34.85 -7.41 1.83
N GLU F 84 -34.10 -7.30 2.92
CA GLU F 84 -34.75 -7.03 4.23
C GLU F 84 -34.55 -5.56 4.68
N GLY F 85 -34.31 -4.67 3.70
CA GLY F 85 -34.04 -3.25 3.96
C GLY F 85 -33.01 -2.95 5.03
N GLY F 86 -32.03 -3.84 5.20
CA GLY F 86 -31.05 -3.76 6.31
C GLY F 86 -29.94 -2.76 6.07
N ARG F 87 -28.96 -2.72 7.00
CA ARG F 87 -27.74 -1.89 6.86
C ARG F 87 -26.49 -2.63 7.37
N LYS F 88 -25.33 -1.98 7.26
CA LYS F 88 -24.02 -2.54 7.74
C LYS F 88 -23.89 -2.59 9.29
N GLU F 89 -24.59 -1.67 9.97
CA GLU F 89 -24.55 -1.52 11.46
C GLU F 89 -25.41 -2.50 12.33
N ASN F 90 -26.38 -3.18 11.71
CA ASN F 90 -27.24 -4.15 12.45
C ASN F 90 -26.98 -5.63 12.10
N GLU F 91 -26.91 -5.92 10.80
CA GLU F 91 -26.91 -7.30 10.28
C GLU F 91 -25.57 -7.73 9.66
N PHE F 92 -25.18 -9.00 9.88
CA PHE F 92 -24.07 -9.63 9.13
C PHE F 92 -24.37 -11.02 8.50
N PHE F 93 -24.11 -11.13 7.20
CA PHE F 93 -24.20 -12.39 6.46
C PHE F 93 -22.83 -12.99 6.23
N PHE F 94 -22.58 -14.15 6.84
CA PHE F 94 -21.30 -14.85 6.70
C PHE F 94 -21.21 -15.55 5.36
N PHE F 95 -19.99 -15.67 4.86
CA PHE F 95 -19.70 -16.43 3.66
C PHE F 95 -19.52 -17.88 4.13
N ALA F 96 -20.47 -18.76 3.78
CA ALA F 96 -20.50 -20.12 4.35
C ALA F 96 -19.85 -21.14 3.46
N GLY F 97 -20.00 -21.01 2.15
CA GLY F 97 -19.37 -21.97 1.26
C GLY F 97 -19.47 -21.60 -0.20
N ILE F 98 -18.71 -22.33 -1.01
CA ILE F 98 -18.69 -22.16 -2.46
C ILE F 98 -18.88 -23.55 -3.04
N ASP F 99 -19.68 -23.69 -4.10
CA ASP F 99 -20.08 -25.00 -4.54
C ASP F 99 -19.54 -25.50 -5.89
N GLU F 100 -19.79 -24.79 -6.98
CA GLU F 100 -19.50 -25.43 -8.26
C GLU F 100 -18.79 -24.42 -9.10
N ALA F 101 -17.70 -23.92 -8.53
CA ALA F 101 -17.03 -22.75 -9.07
C ALA F 101 -16.11 -23.15 -10.22
N ARG F 102 -16.35 -22.59 -11.39
CA ARG F 102 -15.49 -22.85 -12.56
C ARG F 102 -14.91 -21.55 -13.04
N PHE F 103 -13.63 -21.58 -13.35
CA PHE F 103 -12.91 -20.43 -13.84
C PHE F 103 -12.67 -20.63 -15.31
N LYS F 104 -13.42 -19.93 -16.13
CA LYS F 104 -13.47 -20.21 -17.55
C LYS F 104 -12.67 -19.25 -18.41
N ARG F 105 -12.44 -18.03 -17.95
CA ARG F 105 -11.78 -17.01 -18.77
C ARG F 105 -10.84 -16.14 -17.93
N GLN F 106 -9.65 -15.88 -18.44
CA GLN F 106 -8.77 -14.88 -17.85
C GLN F 106 -9.40 -13.50 -17.92
N VAL F 107 -9.41 -12.80 -16.79
CA VAL F 107 -9.91 -11.44 -16.69
C VAL F 107 -8.74 -10.50 -16.51
N ILE F 108 -8.74 -9.40 -17.24
CA ILE F 108 -7.54 -8.53 -17.30
C ILE F 108 -7.87 -7.05 -17.18
N PRO F 109 -6.86 -6.21 -16.91
CA PRO F 109 -7.15 -4.78 -16.80
C PRO F 109 -7.83 -4.27 -18.06
N GLY F 110 -8.85 -3.45 -17.87
CA GLY F 110 -9.69 -3.01 -18.99
C GLY F 110 -11.03 -3.71 -19.02
N ASP F 111 -11.11 -4.95 -18.54
CA ASP F 111 -12.39 -5.66 -18.42
C ASP F 111 -13.29 -5.09 -17.36
N GLN F 112 -14.57 -4.98 -17.69
CA GLN F 112 -15.59 -4.67 -16.73
C GLN F 112 -16.31 -5.97 -16.40
N LEU F 113 -16.28 -6.36 -15.12
CA LEU F 113 -16.97 -7.55 -14.72
C LEU F 113 -18.40 -7.19 -14.46
N VAL F 114 -19.33 -7.94 -15.07
CA VAL F 114 -20.76 -7.85 -14.74
C VAL F 114 -21.17 -9.08 -13.95
N PHE F 115 -21.68 -8.85 -12.74
CA PHE F 115 -22.10 -9.94 -11.84
C PHE F 115 -23.62 -10.02 -11.83
N GLU F 116 -24.15 -11.20 -12.14
CA GLU F 116 -25.58 -11.49 -12.04
C GLU F 116 -25.76 -12.60 -11.05
N VAL F 117 -26.49 -12.33 -9.98
CA VAL F 117 -26.70 -13.33 -8.92
C VAL F 117 -28.19 -13.57 -8.70
N GLU F 118 -28.51 -14.76 -8.20
CA GLU F 118 -29.90 -15.17 -8.00
C GLU F 118 -30.06 -15.97 -6.73
N LEU F 119 -31.02 -15.58 -5.89
CA LEU F 119 -31.35 -16.34 -4.66
C LEU F 119 -32.08 -17.63 -5.09
N LEU F 120 -31.50 -18.79 -4.80
CA LEU F 120 -32.15 -20.05 -5.14
C LEU F 120 -33.06 -20.52 -3.98
N THR F 121 -32.46 -20.85 -2.84
CA THR F 121 -33.20 -21.35 -1.68
C THR F 121 -32.80 -20.62 -0.41
N SER F 122 -33.71 -20.55 0.55
CA SER F 122 -33.41 -19.94 1.83
C SER F 122 -33.85 -20.90 2.94
N ARG F 123 -33.16 -22.01 3.11
CA ARG F 123 -33.49 -22.98 4.18
C ARG F 123 -32.79 -22.63 5.52
N ARG F 124 -33.56 -22.00 6.44
CA ARG F 124 -33.15 -21.79 7.84
C ARG F 124 -31.97 -20.82 8.01
N GLY F 125 -32.15 -19.58 7.56
CA GLY F 125 -31.08 -18.59 7.61
C GLY F 125 -29.89 -18.78 6.65
N ILE F 126 -29.80 -19.93 5.96
CA ILE F 126 -28.74 -20.20 5.00
C ILE F 126 -29.27 -20.01 3.57
N GLY F 127 -28.66 -19.07 2.84
CA GLY F 127 -29.10 -18.70 1.49
C GLY F 127 -28.17 -19.28 0.45
N LYS F 128 -28.74 -19.91 -0.56
CA LYS F 128 -27.97 -20.57 -1.60
C LYS F 128 -28.21 -19.73 -2.84
N PHE F 129 -27.14 -19.29 -3.47
CA PHE F 129 -27.24 -18.37 -4.61
C PHE F 129 -26.53 -18.96 -5.80
N ASN F 130 -27.04 -18.65 -6.98
CA ASN F 130 -26.30 -18.92 -8.22
C ASN F 130 -25.68 -17.58 -8.59
N ALA F 131 -24.43 -17.63 -9.05
CA ALA F 131 -23.73 -16.38 -9.41
C ALA F 131 -22.88 -16.62 -10.62
N VAL F 132 -22.92 -15.66 -11.52
CA VAL F 132 -22.06 -15.69 -12.70
C VAL F 132 -21.37 -14.32 -12.83
N ALA F 133 -20.18 -14.33 -13.42
CA ALA F 133 -19.44 -13.11 -13.68
C ALA F 133 -19.04 -13.08 -15.13
N LYS F 134 -19.52 -12.06 -15.84
CA LYS F 134 -19.27 -11.95 -17.27
C LYS F 134 -18.39 -10.77 -17.60
N VAL F 135 -17.61 -10.93 -18.67
CA VAL F 135 -16.92 -9.84 -19.34
C VAL F 135 -17.40 -9.85 -20.79
N ASP F 136 -17.94 -8.72 -21.24
CA ASP F 136 -18.43 -8.56 -22.62
C ASP F 136 -19.37 -9.68 -23.03
N GLY F 137 -20.27 -10.08 -22.14
CA GLY F 137 -21.22 -11.16 -22.43
C GLY F 137 -20.72 -12.59 -22.21
N GLN F 138 -19.41 -12.84 -22.32
CA GLN F 138 -18.85 -14.17 -22.05
C GLN F 138 -18.71 -14.48 -20.56
N VAL F 139 -19.03 -15.71 -20.15
CA VAL F 139 -18.84 -16.14 -18.76
C VAL F 139 -17.35 -16.29 -18.44
N ALA F 140 -16.94 -15.70 -17.33
CA ALA F 140 -15.56 -15.83 -16.88
C ALA F 140 -15.51 -16.74 -15.64
N VAL F 141 -16.45 -16.54 -14.72
CA VAL F 141 -16.53 -17.36 -13.53
C VAL F 141 -17.99 -17.61 -13.24
N GLU F 142 -18.31 -18.84 -12.84
CA GLU F 142 -19.63 -19.18 -12.34
C GLU F 142 -19.46 -20.00 -11.09
N ALA F 143 -20.43 -19.89 -10.19
CA ALA F 143 -20.35 -20.58 -8.91
C ALA F 143 -21.67 -20.52 -8.16
N ILE F 144 -21.83 -21.45 -7.22
CA ILE F 144 -22.92 -21.41 -6.25
C ILE F 144 -22.34 -20.86 -4.96
N ILE F 145 -23.03 -19.89 -4.35
CA ILE F 145 -22.49 -19.20 -3.18
C ILE F 145 -23.46 -19.38 -2.02
N MET F 146 -22.97 -19.83 -0.87
CA MET F 146 -23.80 -19.90 0.34
C MET F 146 -23.45 -18.79 1.31
N CYS F 147 -24.47 -18.09 1.80
CA CYS F 147 -24.34 -17.11 2.87
C CYS F 147 -25.22 -17.52 4.04
N ALA F 148 -24.79 -17.19 5.25
CA ALA F 148 -25.50 -17.54 6.47
C ALA F 148 -25.71 -16.29 7.31
N LYS F 149 -26.91 -16.11 7.87
CA LYS F 149 -27.23 -14.86 8.60
C LYS F 149 -26.58 -14.72 9.99
#